data_5FQ3
#
_entry.id   5FQ3
#
_cell.length_a   167.320
_cell.length_b   167.320
_cell.length_c   100.341
_cell.angle_alpha   90.00
_cell.angle_beta   90.00
_cell.angle_gamma   90.00
#
_symmetry.space_group_name_H-M   'P 41 21 2'
#
_entity_poly.entity_id   1
_entity_poly.type   'polypeptide(L)'
_entity_poly.pdbx_seq_one_letter_code
;SMDKSTDDTSKVTYFVTLEREGDEKIVLEKGQPFVEPGYYAEMNGEDITESVQIKGSVDVNTPGIYNLVYAAYNEDGFAK
TFTRTVYVADNTASPLKSGIYTVAEGSKRTAPSVVAFSGYEIVIFQMEPGIFYISDFLGGWYDQRAGYGPDYAMVGKFEL
NDDNTITPLESYVAGWGDSMDQMTNTLLDPATGTLKWTVAYAGQLSFDIIVKQ
;
_entity_poly.pdbx_strand_id   A,B,C,D
#
# COMPACT_ATOMS: atom_id res chain seq x y z
N PHE A 15 -30.01 3.43 -4.87
CA PHE A 15 -30.48 3.39 -6.26
C PHE A 15 -29.88 2.21 -7.02
N VAL A 16 -28.54 2.21 -7.19
CA VAL A 16 -27.81 0.98 -7.52
C VAL A 16 -28.07 -0.06 -6.41
N THR A 17 -28.16 -1.32 -6.83
CA THR A 17 -28.40 -2.48 -5.97
C THR A 17 -27.50 -3.60 -6.44
N LEU A 18 -26.82 -4.30 -5.52
CA LEU A 18 -25.91 -5.36 -5.94
C LEU A 18 -26.11 -6.57 -5.03
N GLU A 19 -26.56 -7.69 -5.61
CA GLU A 19 -26.79 -8.93 -4.89
C GLU A 19 -25.89 -10.04 -5.39
N ARG A 20 -25.26 -10.76 -4.46
CA ARG A 20 -24.47 -11.95 -4.79
C ARG A 20 -25.36 -13.17 -4.76
N GLU A 21 -25.28 -14.01 -5.80
CA GLU A 21 -25.96 -15.30 -5.77
C GLU A 21 -24.90 -16.38 -5.57
N GLY A 22 -25.22 -17.38 -4.74
CA GLY A 22 -24.26 -18.40 -4.36
C GLY A 22 -23.53 -18.05 -3.08
N ASP A 23 -22.57 -18.89 -2.72
CA ASP A 23 -21.89 -18.73 -1.44
C ASP A 23 -20.78 -17.69 -1.57
N GLU A 24 -20.55 -16.95 -0.47
CA GLU A 24 -19.39 -16.07 -0.37
C GLU A 24 -18.09 -16.85 -0.46
N LYS A 25 -18.06 -18.04 0.12
CA LYS A 25 -16.89 -18.91 0.13
C LYS A 25 -17.24 -20.27 -0.46
N ILE A 26 -16.37 -20.73 -1.35
CA ILE A 26 -16.59 -21.95 -2.11
C ILE A 26 -15.30 -22.77 -2.04
N VAL A 27 -15.43 -24.09 -1.96
CA VAL A 27 -14.27 -24.97 -2.00
C VAL A 27 -14.48 -25.94 -3.15
N LEU A 28 -13.59 -25.87 -4.15
CA LEU A 28 -13.47 -26.82 -5.25
C LEU A 28 -12.28 -27.74 -5.03
N GLU A 29 -12.32 -28.88 -5.69
CA GLU A 29 -11.22 -29.82 -5.74
C GLU A 29 -10.48 -29.65 -7.05
N LYS A 30 -9.16 -29.58 -6.99
CA LYS A 30 -8.32 -29.48 -8.20
C LYS A 30 -8.91 -30.28 -9.36
N GLY A 31 -8.98 -29.62 -10.52
CA GLY A 31 -9.59 -30.19 -11.69
C GLY A 31 -11.04 -29.81 -11.89
N GLN A 32 -11.80 -29.69 -10.81
CA GLN A 32 -13.23 -29.46 -10.95
C GLN A 32 -13.45 -28.05 -11.50
N PRO A 33 -14.27 -27.90 -12.55
CA PRO A 33 -14.43 -26.57 -13.15
C PRO A 33 -15.09 -25.62 -12.18
N PHE A 34 -14.76 -24.35 -12.30
CA PHE A 34 -15.46 -23.33 -11.54
C PHE A 34 -16.61 -22.81 -12.39
N VAL A 35 -17.83 -23.07 -11.96
CA VAL A 35 -19.03 -22.52 -12.58
C VAL A 35 -19.47 -21.31 -11.79
N GLU A 36 -19.49 -20.16 -12.44
CA GLU A 36 -19.85 -18.90 -11.77
C GLU A 36 -21.25 -18.96 -11.19
N PRO A 37 -21.40 -18.84 -9.88
CA PRO A 37 -22.75 -18.92 -9.27
C PRO A 37 -23.68 -17.80 -9.72
N GLY A 38 -23.15 -16.65 -10.11
CA GLY A 38 -23.94 -15.55 -10.64
C GLY A 38 -24.20 -14.45 -9.61
N TYR A 39 -24.93 -13.43 -10.09
CA TYR A 39 -25.19 -12.21 -9.33
C TYR A 39 -26.25 -11.42 -10.07
N TYR A 40 -26.65 -10.30 -9.48
CA TYR A 40 -27.69 -9.44 -10.04
C TYR A 40 -27.41 -8.01 -9.60
N ALA A 41 -27.76 -7.04 -10.46
CA ALA A 41 -27.54 -5.64 -10.19
C ALA A 41 -28.61 -4.83 -10.86
N GLU A 42 -29.08 -3.79 -10.18
CA GLU A 42 -30.15 -2.94 -10.69
C GLU A 42 -29.84 -1.51 -10.25
N MET A 43 -30.06 -0.55 -11.14
CA MET A 43 -29.94 0.86 -10.79
C MET A 43 -31.20 1.56 -11.26
N ASN A 44 -31.94 2.12 -10.31
CA ASN A 44 -33.12 2.95 -10.60
C ASN A 44 -34.22 2.13 -11.27
N GLY A 45 -34.25 0.82 -11.00
CA GLY A 45 -35.27 -0.05 -11.54
C GLY A 45 -34.90 -0.77 -12.81
N GLU A 46 -33.96 -0.25 -13.58
CA GLU A 46 -33.46 -0.95 -14.75
C GLU A 46 -32.43 -2.00 -14.34
N ASP A 47 -32.34 -3.07 -15.12
CA ASP A 47 -31.39 -4.15 -14.82
C ASP A 47 -30.02 -3.79 -15.38
N ILE A 48 -29.00 -3.70 -14.52
CA ILE A 48 -27.67 -3.38 -15.01
C ILE A 48 -26.71 -4.52 -14.68
N THR A 49 -27.17 -5.76 -14.82
CA THR A 49 -26.36 -6.90 -14.39
C THR A 49 -25.20 -7.15 -15.35
N GLU A 50 -25.38 -6.85 -16.63
CA GLU A 50 -24.30 -7.04 -17.58
C GLU A 50 -23.22 -5.97 -17.49
N SER A 51 -23.45 -4.91 -16.71
CA SER A 51 -22.49 -3.84 -16.44
C SER A 51 -21.47 -4.21 -15.39
N VAL A 52 -21.76 -5.22 -14.57
CA VAL A 52 -20.87 -5.61 -13.47
C VAL A 52 -19.54 -6.10 -14.02
N GLN A 53 -18.43 -5.60 -13.46
CA GLN A 53 -17.10 -6.06 -13.84
C GLN A 53 -16.44 -6.81 -12.67
N ILE A 54 -15.58 -7.76 -13.02
CA ILE A 54 -14.97 -8.66 -12.04
C ILE A 54 -13.46 -8.55 -12.12
N LYS A 55 -12.82 -8.36 -10.97
CA LYS A 55 -11.38 -8.52 -10.87
C LYS A 55 -11.11 -9.88 -10.24
N GLY A 56 -10.33 -10.71 -10.93
CA GLY A 56 -10.00 -12.01 -10.37
C GLY A 56 -10.30 -13.16 -11.28
N SER A 57 -9.55 -14.25 -11.09
CA SER A 57 -9.65 -15.47 -11.87
C SER A 57 -9.50 -16.65 -10.92
N VAL A 58 -10.03 -17.78 -11.34
CA VAL A 58 -9.94 -19.03 -10.60
C VAL A 58 -9.18 -20.03 -11.45
N ASP A 59 -8.09 -20.55 -10.91
CA ASP A 59 -7.26 -21.57 -11.55
C ASP A 59 -7.49 -22.90 -10.84
N VAL A 60 -8.50 -23.63 -11.31
CA VAL A 60 -8.88 -24.90 -10.70
C VAL A 60 -7.84 -26.02 -10.85
N ASN A 61 -6.81 -25.84 -11.67
CA ASN A 61 -5.74 -26.83 -11.79
C ASN A 61 -4.49 -26.54 -10.93
N THR A 62 -4.57 -25.56 -10.03
CA THR A 62 -3.49 -25.19 -9.13
C THR A 62 -4.13 -24.90 -7.77
N PRO A 63 -3.95 -25.79 -6.78
CA PRO A 63 -4.53 -25.53 -5.46
C PRO A 63 -4.11 -24.17 -4.96
N GLY A 64 -5.03 -23.47 -4.31
CA GLY A 64 -4.75 -22.13 -3.84
C GLY A 64 -6.02 -21.37 -3.51
N ILE A 65 -5.85 -20.09 -3.20
CA ILE A 65 -6.94 -19.18 -2.83
C ILE A 65 -7.09 -18.11 -3.91
N TYR A 66 -8.25 -18.06 -4.56
CA TYR A 66 -8.50 -17.11 -5.64
C TYR A 66 -9.63 -16.19 -5.22
N ASN A 67 -9.36 -14.88 -5.19
CA ASN A 67 -10.36 -13.89 -4.81
C ASN A 67 -10.90 -13.20 -6.05
N LEU A 68 -12.22 -13.25 -6.21
CA LEU A 68 -12.90 -12.45 -7.21
C LEU A 68 -13.56 -11.26 -6.51
N VAL A 69 -13.63 -10.14 -7.22
CA VAL A 69 -14.25 -8.93 -6.71
C VAL A 69 -15.15 -8.33 -7.78
N TYR A 70 -16.44 -8.22 -7.47
CA TYR A 70 -17.49 -7.79 -8.38
C TYR A 70 -17.91 -6.37 -8.06
N ALA A 71 -18.02 -5.52 -9.11
CA ALA A 71 -18.33 -4.09 -8.93
C ALA A 71 -19.51 -3.63 -9.78
N ALA A 72 -20.31 -2.72 -9.22
CA ALA A 72 -21.47 -2.14 -9.87
C ALA A 72 -21.36 -0.63 -9.76
N TYR A 73 -21.22 0.06 -10.88
CA TYR A 73 -20.84 1.47 -10.85
C TYR A 73 -22.05 2.38 -10.82
N ASN A 74 -21.83 3.56 -10.25
CA ASN A 74 -22.88 4.55 -10.04
C ASN A 74 -22.34 5.87 -10.59
N GLU A 75 -23.04 6.96 -10.31
CA GLU A 75 -23.00 8.16 -11.15
C GLU A 75 -21.79 9.06 -10.90
N ASP A 76 -21.25 9.12 -9.68
CA ASP A 76 -20.22 10.11 -9.35
C ASP A 76 -19.06 9.43 -8.62
N GLY A 77 -18.44 8.47 -9.30
CA GLY A 77 -17.33 7.72 -8.72
C GLY A 77 -17.73 6.61 -7.76
N PHE A 78 -19.01 6.53 -7.41
CA PHE A 78 -19.45 5.58 -6.40
C PHE A 78 -19.65 4.19 -6.98
N ALA A 79 -19.61 3.18 -6.12
CA ALA A 79 -19.69 1.79 -6.54
C ALA A 79 -20.15 0.94 -5.37
N LYS A 80 -20.71 -0.22 -5.69
CA LYS A 80 -20.97 -1.25 -4.70
C LYS A 80 -20.25 -2.51 -5.13
N THR A 81 -19.80 -3.26 -4.13
CA THR A 81 -18.84 -4.34 -4.35
C THR A 81 -19.20 -5.52 -3.45
N PHE A 82 -19.03 -6.71 -3.99
CA PHE A 82 -18.95 -7.87 -3.14
C PHE A 82 -17.81 -8.76 -3.57
N THR A 83 -17.31 -9.52 -2.62
CA THR A 83 -16.18 -10.41 -2.80
C THR A 83 -16.61 -11.85 -2.60
N ARG A 84 -16.08 -12.72 -3.42
CA ARG A 84 -16.25 -14.16 -3.32
C ARG A 84 -14.85 -14.77 -3.37
N THR A 85 -14.63 -15.81 -2.56
CA THR A 85 -13.33 -16.46 -2.49
C THR A 85 -13.49 -17.93 -2.86
N VAL A 86 -12.67 -18.43 -3.77
CA VAL A 86 -12.71 -19.83 -4.18
C VAL A 86 -11.41 -20.49 -3.74
N TYR A 87 -11.53 -21.65 -3.12
CA TYR A 87 -10.40 -22.40 -2.62
C TYR A 87 -10.27 -23.71 -3.37
N VAL A 88 -9.10 -23.97 -3.93
CA VAL A 88 -8.84 -25.18 -4.66
C VAL A 88 -8.02 -26.11 -3.77
N ALA A 89 -8.53 -27.34 -3.58
CA ALA A 89 -7.94 -28.37 -2.72
C ALA A 89 -6.95 -29.21 -3.53
N ASP A 90 -6.61 -30.42 -3.07
CA ASP A 90 -5.51 -31.15 -3.71
C ASP A 90 -5.87 -32.61 -4.02
N ASN A 91 -7.16 -32.95 -4.08
CA ASN A 91 -7.71 -34.28 -4.41
C ASN A 91 -6.95 -35.53 -3.90
N THR A 92 -5.72 -35.38 -3.42
CA THR A 92 -5.06 -36.50 -2.75
C THR A 92 -5.91 -36.98 -1.59
N ALA A 93 -6.10 -38.29 -1.52
CA ALA A 93 -6.83 -38.91 -0.42
C ALA A 93 -6.32 -38.43 0.91
N SER A 94 -7.24 -38.21 1.84
CA SER A 94 -6.91 -37.77 3.19
C SER A 94 -8.18 -37.78 4.02
N PRO A 95 -8.16 -38.32 5.22
CA PRO A 95 -9.39 -38.40 6.02
C PRO A 95 -10.03 -37.05 6.31
N LEU A 96 -9.23 -35.98 6.18
CA LEU A 96 -9.70 -34.61 6.34
C LEU A 96 -10.26 -34.12 5.02
N LYS A 97 -11.57 -33.94 4.95
CA LYS A 97 -12.06 -33.43 3.68
C LYS A 97 -11.89 -31.91 3.64
N SER A 98 -11.97 -31.38 2.43
CA SER A 98 -11.89 -29.93 2.22
C SER A 98 -13.23 -29.53 1.54
N GLY A 99 -14.03 -28.62 2.11
CA GLY A 99 -13.82 -28.04 3.41
C GLY A 99 -14.49 -26.70 3.69
N ILE A 100 -15.79 -26.68 4.01
CA ILE A 100 -16.38 -25.53 4.69
C ILE A 100 -16.87 -26.08 6.04
N TYR A 101 -16.04 -25.94 7.06
CA TYR A 101 -16.42 -26.46 8.37
C TYR A 101 -17.22 -25.44 9.18
N THR A 102 -18.21 -25.94 9.92
CA THR A 102 -18.96 -25.18 10.91
C THR A 102 -18.47 -25.55 12.29
N VAL A 103 -18.13 -24.53 13.10
CA VAL A 103 -17.81 -24.78 14.50
C VAL A 103 -18.97 -25.49 15.18
N ALA A 104 -18.65 -26.47 16.03
CA ALA A 104 -19.62 -27.32 16.68
C ALA A 104 -20.06 -26.72 18.02
N GLU A 105 -20.80 -27.50 18.83
CA GLU A 105 -21.49 -26.94 19.98
C GLU A 105 -20.76 -27.13 21.30
N GLY A 106 -19.90 -28.14 21.43
CA GLY A 106 -19.06 -28.25 22.60
C GLY A 106 -17.84 -27.34 22.56
N SER A 107 -17.97 -26.19 21.91
CA SER A 107 -16.86 -25.29 21.61
C SER A 107 -16.91 -24.10 22.55
N LYS A 108 -15.76 -23.80 23.18
CA LYS A 108 -15.75 -22.94 24.35
C LYS A 108 -14.42 -22.19 24.46
N ARG A 109 -14.49 -21.03 25.14
CA ARG A 109 -13.30 -20.46 25.75
C ARG A 109 -13.11 -21.14 27.10
N THR A 110 -11.85 -21.23 27.55
CA THR A 110 -11.54 -21.83 28.85
C THR A 110 -10.62 -20.96 29.71
N ALA A 111 -10.23 -19.78 29.25
CA ALA A 111 -9.50 -18.80 30.07
C ALA A 111 -9.64 -17.41 29.44
N PRO A 112 -9.79 -16.38 30.28
CA PRO A 112 -9.78 -16.42 31.74
C PRO A 112 -11.09 -16.97 32.32
N SER A 113 -12.21 -16.73 31.63
CA SER A 113 -13.52 -17.22 31.99
C SER A 113 -13.83 -18.45 31.11
N VAL A 114 -15.11 -18.84 31.07
CA VAL A 114 -15.55 -19.92 30.20
C VAL A 114 -16.79 -19.45 29.44
N VAL A 115 -16.76 -19.58 28.10
CA VAL A 115 -17.78 -19.06 27.20
C VAL A 115 -17.89 -19.98 25.99
N ALA A 116 -19.09 -20.50 25.74
CA ALA A 116 -19.34 -21.42 24.63
C ALA A 116 -19.81 -20.66 23.39
N PHE A 117 -19.43 -21.13 22.19
CA PHE A 117 -19.97 -20.44 21.01
C PHE A 117 -20.37 -21.40 19.88
N SER A 118 -21.00 -20.79 18.87
CA SER A 118 -22.06 -21.34 18.02
C SER A 118 -21.57 -21.94 16.71
N GLY A 119 -22.21 -21.56 15.61
CA GLY A 119 -22.00 -22.17 14.31
C GLY A 119 -21.43 -21.19 13.30
N TYR A 120 -20.29 -20.59 13.63
CA TYR A 120 -19.52 -19.82 12.68
C TYR A 120 -18.79 -20.76 11.73
N GLU A 121 -18.64 -20.33 10.48
CA GLU A 121 -18.01 -21.20 9.50
C GLU A 121 -16.58 -20.74 9.23
N ILE A 122 -15.70 -21.72 9.03
CA ILE A 122 -14.32 -21.49 8.62
C ILE A 122 -14.04 -22.46 7.47
N VAL A 123 -12.96 -22.19 6.74
CA VAL A 123 -12.62 -22.98 5.57
C VAL A 123 -11.32 -23.71 5.88
N ILE A 124 -11.25 -24.98 5.45
CA ILE A 124 -10.08 -25.84 5.64
C ILE A 124 -9.85 -26.63 4.36
N PHE A 125 -8.71 -26.40 3.71
CA PHE A 125 -8.46 -27.09 2.44
C PHE A 125 -7.01 -27.57 2.39
N GLN A 126 -6.78 -28.61 1.58
CA GLN A 126 -5.45 -29.22 1.45
C GLN A 126 -4.64 -28.38 0.46
N MET A 127 -3.43 -27.93 0.87
CA MET A 127 -2.55 -27.22 -0.04
C MET A 127 -1.70 -28.18 -0.85
N GLU A 128 -1.23 -29.25 -0.21
CA GLU A 128 -0.38 -30.31 -0.72
C GLU A 128 -0.63 -31.51 0.20
N PRO A 129 -0.28 -32.73 -0.26
CA PRO A 129 -0.76 -33.95 0.39
C PRO A 129 -0.86 -33.99 1.91
N GLY A 130 0.17 -33.58 2.66
CA GLY A 130 -0.06 -33.66 4.10
C GLY A 130 -0.73 -32.44 4.72
N ILE A 131 -0.67 -31.32 4.01
CA ILE A 131 -0.69 -30.01 4.64
C ILE A 131 -1.98 -29.28 4.31
N PHE A 132 -2.56 -28.66 5.32
CA PHE A 132 -3.85 -28.00 5.22
C PHE A 132 -3.73 -26.54 5.59
N TYR A 133 -4.69 -25.76 5.11
CA TYR A 133 -4.81 -24.34 5.42
C TYR A 133 -6.11 -24.15 6.18
N ILE A 134 -6.11 -23.29 7.17
CA ILE A 134 -7.33 -22.92 7.89
C ILE A 134 -7.54 -21.41 7.81
N SER A 135 -8.81 -21.01 7.61
CA SER A 135 -9.12 -19.58 7.69
C SER A 135 -8.93 -19.07 9.11
N ASP A 136 -9.24 -19.90 10.11
CA ASP A 136 -9.29 -19.46 11.50
C ASP A 136 -9.14 -20.66 12.44
N PHE A 137 -7.97 -20.81 13.05
CA PHE A 137 -7.76 -21.63 14.23
C PHE A 137 -8.65 -21.29 15.40
N LEU A 138 -9.10 -20.04 15.49
CA LEU A 138 -9.67 -19.50 16.72
C LEU A 138 -11.20 -19.57 16.70
N GLY A 139 -11.77 -20.26 15.70
CA GLY A 139 -13.17 -20.62 15.65
C GLY A 139 -14.09 -19.54 15.15
N GLY A 140 -13.56 -18.37 14.82
CA GLY A 140 -14.39 -17.19 14.63
C GLY A 140 -14.66 -16.39 15.88
N TRP A 141 -13.85 -16.55 16.93
CA TRP A 141 -14.13 -15.85 18.18
C TRP A 141 -13.96 -14.34 18.03
N TYR A 142 -13.05 -13.87 17.18
CA TYR A 142 -12.66 -12.46 17.15
C TYR A 142 -13.15 -11.72 15.92
N ASP A 143 -12.98 -12.23 14.70
CA ASP A 143 -13.94 -11.79 13.70
C ASP A 143 -15.18 -12.60 13.95
N GLN A 144 -16.25 -12.35 13.19
CA GLN A 144 -17.50 -13.07 13.50
C GLN A 144 -17.98 -12.74 14.93
N ARG A 145 -17.81 -13.63 15.92
CA ARG A 145 -18.37 -13.40 17.27
C ARG A 145 -17.69 -12.25 18.04
N ALA A 146 -17.70 -11.08 17.44
CA ALA A 146 -17.13 -9.83 17.95
C ALA A 146 -17.17 -8.86 16.79
N GLY A 147 -17.15 -9.45 15.58
CA GLY A 147 -17.20 -8.69 14.35
C GLY A 147 -15.99 -7.82 14.16
N TYR A 148 -14.83 -8.30 14.61
CA TYR A 148 -13.60 -7.55 14.40
C TYR A 148 -13.19 -7.58 12.94
N GLY A 149 -13.57 -8.62 12.20
CA GLY A 149 -13.26 -8.70 10.79
C GLY A 149 -12.08 -9.62 10.49
N PRO A 150 -11.81 -9.84 9.20
CA PRO A 150 -10.85 -10.88 8.81
C PRO A 150 -9.41 -10.59 9.22
N ASP A 151 -9.06 -9.35 9.59
CA ASP A 151 -7.74 -9.05 10.15
C ASP A 151 -7.53 -9.66 11.52
N TYR A 152 -8.54 -10.34 12.05
CA TYR A 152 -8.47 -11.12 13.27
C TYR A 152 -8.79 -12.56 12.87
N ALA A 153 -8.81 -13.46 13.85
CA ALA A 153 -8.78 -14.88 13.51
C ALA A 153 -7.41 -15.35 13.01
N MET A 154 -7.11 -16.61 13.27
CA MET A 154 -5.78 -17.17 13.06
C MET A 154 -5.77 -17.92 11.74
N VAL A 155 -5.24 -17.31 10.69
CA VAL A 155 -4.88 -18.14 9.55
C VAL A 155 -3.74 -19.05 9.99
N GLY A 156 -3.52 -20.10 9.21
CA GLY A 156 -2.44 -21.02 9.54
C GLY A 156 -2.43 -22.21 8.62
N LYS A 157 -1.27 -22.83 8.49
CA LYS A 157 -1.11 -24.14 7.90
C LYS A 157 -1.04 -25.14 9.04
N PHE A 158 -1.40 -26.39 8.75
CA PHE A 158 -1.03 -27.46 9.66
C PHE A 158 -0.86 -28.77 8.88
N GLU A 159 -0.15 -29.70 9.49
CA GLU A 159 0.14 -30.99 8.90
C GLU A 159 -0.67 -32.05 9.62
N LEU A 160 -1.38 -32.86 8.85
CA LEU A 160 -2.16 -33.96 9.39
C LEU A 160 -1.24 -35.18 9.55
N ASN A 161 -1.20 -35.72 10.75
CA ASN A 161 -0.31 -36.83 11.07
C ASN A 161 -1.02 -38.15 10.83
N ASP A 162 -0.21 -39.20 10.67
CA ASP A 162 -0.76 -40.53 10.52
C ASP A 162 -1.56 -40.99 11.73
N ASP A 163 -1.41 -40.32 12.88
CA ASP A 163 -2.07 -40.77 14.10
C ASP A 163 -3.30 -39.92 14.41
N ASN A 164 -3.85 -39.26 13.39
CA ASN A 164 -5.08 -38.48 13.55
C ASN A 164 -4.88 -37.34 14.54
N THR A 165 -3.65 -36.89 14.73
CA THR A 165 -3.44 -35.58 15.31
C THR A 165 -3.02 -34.59 14.23
N ILE A 166 -2.82 -33.38 14.67
CA ILE A 166 -2.62 -32.20 13.82
C ILE A 166 -1.43 -31.44 14.41
N THR A 167 -0.43 -31.21 13.59
CA THR A 167 0.75 -30.46 14.01
C THR A 167 0.72 -29.09 13.34
N PRO A 168 0.67 -28.01 14.10
CA PRO A 168 0.54 -26.69 13.47
C PRO A 168 1.88 -26.19 13.00
N LEU A 169 1.89 -25.59 11.82
CA LEU A 169 3.13 -24.97 11.35
C LEU A 169 3.09 -23.45 11.58
N GLU A 170 2.98 -22.67 10.51
CA GLU A 170 2.74 -21.24 10.68
C GLU A 170 1.33 -20.96 11.24
N SER A 171 1.17 -19.82 11.94
CA SER A 171 -0.13 -19.28 12.38
C SER A 171 0.03 -17.79 12.65
N TYR A 172 -1.03 -17.00 12.43
CA TYR A 172 -0.87 -15.55 12.48
C TYR A 172 -2.19 -14.79 12.52
N VAL A 173 -2.29 -13.84 13.46
CA VAL A 173 -3.39 -12.89 13.55
C VAL A 173 -2.83 -11.53 13.16
N ALA A 174 -3.14 -11.08 11.94
CA ALA A 174 -2.79 -9.74 11.51
C ALA A 174 -3.42 -8.72 12.47
N GLY A 175 -3.08 -7.47 12.31
CA GLY A 175 -3.74 -6.55 13.20
C GLY A 175 -3.28 -6.59 14.65
N TRP A 176 -2.85 -7.77 15.13
CA TRP A 176 -2.07 -7.89 16.38
C TRP A 176 -0.68 -8.45 16.19
N GLY A 177 -0.41 -9.17 15.10
CA GLY A 177 0.95 -9.52 14.69
C GLY A 177 1.50 -10.83 15.21
N ASP A 178 0.84 -11.47 16.18
CA ASP A 178 1.36 -12.64 16.87
C ASP A 178 0.78 -13.94 16.34
N SER A 179 1.36 -15.04 16.82
CA SER A 179 0.93 -16.42 16.56
C SER A 179 0.31 -17.00 17.82
N MET A 180 -0.10 -18.27 17.75
CA MET A 180 -0.55 -18.98 18.93
C MET A 180 0.64 -19.28 19.84
N ASP A 181 0.38 -19.32 21.14
CA ASP A 181 1.39 -19.73 22.11
C ASP A 181 1.65 -21.23 22.07
N GLN A 182 0.60 -22.04 22.05
CA GLN A 182 0.78 -23.47 21.79
C GLN A 182 -0.56 -24.08 21.38
N MET A 183 -0.50 -25.36 21.00
CA MET A 183 -1.67 -26.11 20.56
C MET A 183 -1.53 -27.54 21.03
N THR A 184 -2.58 -28.06 21.65
CA THR A 184 -2.52 -29.38 22.25
C THR A 184 -3.86 -30.08 22.11
N ASN A 185 -3.93 -31.32 22.58
CA ASN A 185 -5.19 -32.04 22.74
C ASN A 185 -5.94 -32.19 21.42
N THR A 186 -5.20 -32.42 20.34
CA THR A 186 -5.89 -32.46 19.05
C THR A 186 -6.27 -33.88 18.69
N LEU A 187 -7.21 -33.99 17.76
CA LEU A 187 -7.69 -35.28 17.29
C LEU A 187 -8.56 -35.09 16.06
N LEU A 188 -8.39 -35.98 15.08
CA LEU A 188 -9.31 -36.08 13.94
C LEU A 188 -10.02 -37.43 14.02
N ASP A 189 -11.35 -37.42 13.90
CA ASP A 189 -12.10 -38.66 13.89
C ASP A 189 -12.44 -39.07 12.45
N PRO A 190 -11.76 -40.10 11.86
CA PRO A 190 -11.99 -40.41 10.44
C PRO A 190 -13.34 -41.05 10.15
N ALA A 191 -14.41 -40.38 10.59
CA ALA A 191 -15.80 -40.85 10.61
C ALA A 191 -16.49 -39.98 11.65
N THR A 192 -17.68 -39.49 11.34
CA THR A 192 -18.20 -38.20 11.81
C THR A 192 -17.31 -37.08 11.26
N GLY A 193 -16.12 -37.41 10.76
CA GLY A 193 -15.18 -36.44 10.22
C GLY A 193 -15.13 -35.12 10.97
N THR A 194 -14.59 -35.18 12.18
CA THR A 194 -14.63 -34.05 13.11
C THR A 194 -13.25 -33.70 13.63
N LEU A 195 -12.87 -32.44 13.42
CA LEU A 195 -11.59 -31.96 13.88
C LEU A 195 -11.75 -31.19 15.19
N LYS A 196 -10.78 -31.36 16.09
CA LYS A 196 -10.79 -30.62 17.35
C LYS A 196 -9.35 -30.32 17.77
N TRP A 197 -9.18 -29.17 18.42
CA TRP A 197 -7.90 -28.78 18.96
C TRP A 197 -8.12 -27.86 20.14
N THR A 198 -7.14 -27.81 21.03
CA THR A 198 -7.07 -26.71 21.97
C THR A 198 -5.91 -25.85 21.52
N VAL A 199 -6.17 -24.56 21.33
CA VAL A 199 -5.12 -23.57 21.06
C VAL A 199 -5.09 -22.58 22.22
N ALA A 200 -3.89 -22.31 22.72
CA ALA A 200 -3.65 -21.25 23.69
C ALA A 200 -3.11 -20.03 22.94
N TYR A 201 -3.71 -18.86 23.20
CA TYR A 201 -3.32 -17.65 22.51
C TYR A 201 -2.73 -16.64 23.51
N ALA A 202 -2.87 -15.36 23.21
CA ALA A 202 -2.25 -14.21 23.85
C ALA A 202 -2.00 -14.38 25.34
N GLY A 203 -0.79 -14.84 25.69
CA GLY A 203 -0.42 -15.09 27.06
C GLY A 203 -1.36 -16.05 27.77
N GLN A 204 -2.39 -15.48 28.37
CA GLN A 204 -3.39 -16.22 29.14
C GLN A 204 -4.70 -16.19 28.35
N LEU A 205 -4.88 -17.20 27.49
CA LEU A 205 -6.12 -17.38 26.75
C LEU A 205 -6.10 -18.76 26.13
N SER A 206 -7.19 -19.49 26.24
CA SER A 206 -7.23 -20.84 25.70
C SER A 206 -8.63 -21.20 25.24
N PHE A 207 -8.70 -21.87 24.10
CA PHE A 207 -9.94 -22.21 23.45
C PHE A 207 -9.93 -23.69 23.09
N ASP A 208 -11.10 -24.34 23.23
CA ASP A 208 -11.33 -25.72 22.79
C ASP A 208 -12.33 -25.67 21.64
N ILE A 209 -11.87 -25.99 20.43
CA ILE A 209 -12.65 -25.83 19.21
C ILE A 209 -13.00 -27.20 18.64
N ILE A 210 -14.25 -27.36 18.18
CA ILE A 210 -14.70 -28.56 17.48
C ILE A 210 -15.41 -28.12 16.20
N VAL A 211 -15.00 -28.67 15.05
CA VAL A 211 -15.53 -28.27 13.76
C VAL A 211 -16.15 -29.48 13.06
N LYS A 212 -17.35 -29.30 12.53
CA LYS A 212 -18.05 -30.31 11.74
C LYS A 212 -18.35 -29.76 10.34
N GLN A 213 -18.90 -30.61 9.48
CA GLN A 213 -19.53 -30.15 8.25
C GLN A 213 -20.87 -30.83 7.94
N PHE B 15 16.74 -0.03 23.01
CA PHE B 15 15.57 -0.16 23.89
C PHE B 15 14.33 -0.65 23.12
N VAL B 16 14.08 -0.13 21.90
CA VAL B 16 13.18 -0.82 20.98
C VAL B 16 13.88 -2.10 20.54
N THR B 17 13.09 -3.14 20.28
CA THR B 17 13.57 -4.43 19.82
C THR B 17 12.67 -4.88 18.70
N LEU B 18 13.25 -5.31 17.60
CA LEU B 18 12.49 -5.86 16.49
C LEU B 18 13.19 -7.12 16.02
N GLU B 19 12.56 -8.26 16.22
CA GLU B 19 13.12 -9.57 15.91
C GLU B 19 12.32 -10.21 14.79
N ARG B 20 13.02 -10.71 13.78
CA ARG B 20 12.39 -11.46 12.71
C ARG B 20 12.31 -12.92 13.12
N GLU B 21 11.10 -13.44 13.15
CA GLU B 21 10.87 -14.88 13.27
C GLU B 21 10.76 -15.50 11.88
N GLY B 22 11.27 -16.72 11.75
CA GLY B 22 11.24 -17.41 10.47
C GLY B 22 12.40 -17.00 9.60
N ASP B 23 12.46 -17.64 8.43
CA ASP B 23 13.61 -17.48 7.55
C ASP B 23 13.65 -16.09 6.93
N GLU B 24 14.87 -15.62 6.64
CA GLU B 24 14.98 -14.38 5.89
C GLU B 24 14.43 -14.53 4.47
N LYS B 25 14.70 -15.66 3.81
CA LYS B 25 14.27 -15.93 2.45
C LYS B 25 13.38 -17.17 2.39
N ILE B 26 12.26 -17.07 1.67
CA ILE B 26 11.27 -18.14 1.62
C ILE B 26 10.96 -18.46 0.16
N VAL B 27 10.70 -19.73 -0.15
CA VAL B 27 10.27 -20.14 -1.48
C VAL B 27 8.96 -20.89 -1.37
N LEU B 28 7.98 -20.47 -2.17
CA LEU B 28 6.67 -21.09 -2.26
C LEU B 28 6.43 -21.52 -3.69
N GLU B 29 5.63 -22.54 -3.85
CA GLU B 29 5.15 -22.88 -5.17
C GLU B 29 3.82 -22.22 -5.42
N LYS B 30 3.57 -21.92 -6.70
CA LYS B 30 2.47 -21.09 -7.14
C LYS B 30 1.17 -21.53 -6.47
N GLY B 31 0.48 -20.56 -5.87
CA GLY B 31 -0.82 -20.77 -5.31
C GLY B 31 -0.84 -21.09 -3.83
N GLN B 32 0.26 -21.62 -3.30
CA GLN B 32 0.26 -22.06 -1.92
C GLN B 32 0.28 -20.84 -1.00
N PRO B 33 -0.66 -20.74 -0.06
CA PRO B 33 -0.82 -19.51 0.72
C PRO B 33 0.43 -19.16 1.52
N PHE B 34 0.69 -17.88 1.61
CA PHE B 34 1.81 -17.36 2.38
C PHE B 34 1.26 -16.96 3.75
N VAL B 35 1.55 -17.76 4.75
CA VAL B 35 1.19 -17.41 6.12
C VAL B 35 2.40 -16.76 6.77
N GLU B 36 2.21 -15.60 7.38
CA GLU B 36 3.30 -14.81 7.94
C GLU B 36 4.12 -15.60 8.95
N PRO B 37 5.42 -15.76 8.74
CA PRO B 37 6.23 -16.48 9.75
C PRO B 37 6.29 -15.77 11.10
N GLY B 38 6.14 -14.46 11.13
CA GLY B 38 5.98 -13.78 12.40
C GLY B 38 7.14 -12.84 12.69
N TYR B 39 7.00 -12.17 13.82
CA TYR B 39 7.93 -11.12 14.23
C TYR B 39 7.55 -10.70 15.65
N TYR B 40 8.48 -10.02 16.31
CA TYR B 40 8.27 -9.60 17.69
C TYR B 40 8.89 -8.21 17.84
N ALA B 41 8.24 -7.37 18.65
CA ALA B 41 8.71 -6.00 18.81
C ALA B 41 8.41 -5.53 20.22
N GLU B 42 9.45 -5.05 20.91
CA GLU B 42 9.35 -4.68 22.32
C GLU B 42 10.05 -3.35 22.53
N MET B 43 9.33 -2.38 23.10
CA MET B 43 9.90 -1.07 23.36
C MET B 43 9.96 -0.83 24.86
N ASN B 44 11.18 -0.67 25.37
CA ASN B 44 11.54 -0.49 26.78
C ASN B 44 10.68 -1.34 27.74
N GLY B 45 10.46 -2.62 27.37
CA GLY B 45 9.76 -3.57 28.23
C GLY B 45 8.35 -3.93 27.79
N GLU B 46 7.56 -2.97 27.28
CA GLU B 46 6.25 -3.26 26.74
C GLU B 46 6.38 -3.92 25.36
N ASP B 47 5.31 -4.59 24.96
CA ASP B 47 5.26 -5.30 23.69
C ASP B 47 4.59 -4.38 22.67
N ILE B 48 5.28 -4.11 21.56
CA ILE B 48 4.72 -3.20 20.58
C ILE B 48 4.49 -3.92 19.27
N THR B 49 4.23 -5.22 19.33
CA THR B 49 4.21 -6.01 18.11
C THR B 49 3.08 -5.58 17.17
N GLU B 50 1.94 -5.16 17.72
CA GLU B 50 0.85 -4.66 16.89
C GLU B 50 1.26 -3.48 16.04
N SER B 51 2.24 -2.70 16.50
CA SER B 51 2.63 -1.45 15.86
C SER B 51 3.42 -1.66 14.60
N VAL B 52 3.99 -2.84 14.41
CA VAL B 52 4.82 -3.07 13.24
C VAL B 52 3.98 -2.92 11.98
N GLN B 53 4.43 -2.06 11.08
CA GLN B 53 3.83 -1.91 9.77
C GLN B 53 4.70 -2.61 8.72
N ILE B 54 4.03 -3.19 7.71
CA ILE B 54 4.70 -3.95 6.65
C ILE B 54 4.36 -3.32 5.31
N LYS B 55 5.39 -3.07 4.49
CA LYS B 55 5.27 -2.52 3.15
C LYS B 55 5.55 -3.64 2.16
N GLY B 56 4.62 -3.88 1.23
CA GLY B 56 4.79 -4.95 0.26
C GLY B 56 3.70 -5.99 0.34
N SER B 57 3.46 -6.72 -0.76
CA SER B 57 2.50 -7.81 -0.76
C SER B 57 3.12 -9.04 -1.41
N VAL B 58 2.54 -10.19 -1.11
CA VAL B 58 2.92 -11.47 -1.71
C VAL B 58 1.76 -11.99 -2.54
N ASP B 59 1.94 -12.06 -3.85
CA ASP B 59 0.95 -12.68 -4.73
C ASP B 59 1.40 -14.09 -5.05
N VAL B 60 1.01 -15.06 -4.20
CA VAL B 60 1.48 -16.42 -4.40
C VAL B 60 0.90 -17.06 -5.65
N ASN B 61 -0.12 -16.44 -6.26
CA ASN B 61 -0.63 -16.88 -7.56
C ASN B 61 0.20 -16.41 -8.75
N THR B 62 1.20 -15.57 -8.56
CA THR B 62 2.01 -15.06 -9.66
C THR B 62 3.49 -15.33 -9.42
N PRO B 63 4.12 -16.23 -10.16
CA PRO B 63 5.57 -16.44 -9.99
C PRO B 63 6.33 -15.12 -10.03
N GLY B 64 7.42 -15.04 -9.30
CA GLY B 64 8.16 -13.80 -9.20
C GLY B 64 8.82 -13.69 -7.84
N ILE B 65 9.23 -12.46 -7.52
CA ILE B 65 10.02 -12.19 -6.32
C ILE B 65 9.40 -11.04 -5.54
N TYR B 66 9.05 -11.27 -4.27
CA TYR B 66 8.27 -10.30 -3.50
C TYR B 66 8.98 -9.90 -2.20
N ASN B 67 9.21 -8.59 -2.03
CA ASN B 67 10.01 -8.07 -0.92
C ASN B 67 9.12 -7.42 0.14
N LEU B 68 9.27 -7.83 1.39
CA LEU B 68 8.50 -7.25 2.48
C LEU B 68 9.44 -6.55 3.44
N VAL B 69 9.08 -5.32 3.82
CA VAL B 69 9.88 -4.51 4.73
C VAL B 69 9.04 -4.26 5.97
N TYR B 70 9.55 -4.70 7.11
CA TYR B 70 8.92 -4.54 8.41
C TYR B 70 9.55 -3.36 9.11
N ALA B 71 8.74 -2.57 9.77
CA ALA B 71 9.22 -1.40 10.49
C ALA B 71 8.63 -1.40 11.88
N ALA B 72 9.44 -0.95 12.85
CA ALA B 72 8.99 -0.78 14.22
C ALA B 72 9.52 0.55 14.70
N TYR B 73 8.61 1.46 15.06
CA TYR B 73 8.96 2.86 15.19
C TYR B 73 9.40 3.21 16.62
N ASN B 74 9.95 4.41 16.75
CA ASN B 74 10.36 4.99 18.01
C ASN B 74 9.88 6.44 18.04
N GLU B 75 10.16 7.14 19.14
CA GLU B 75 9.48 8.38 19.42
C GLU B 75 10.14 9.61 18.79
N ASP B 76 11.38 9.49 18.32
CA ASP B 76 12.00 10.67 17.74
C ASP B 76 12.36 10.47 16.28
N GLY B 77 11.39 9.99 15.50
CA GLY B 77 11.60 9.72 14.11
C GLY B 77 12.49 8.56 13.81
N PHE B 78 12.87 7.78 14.80
CA PHE B 78 13.71 6.63 14.56
C PHE B 78 12.86 5.39 14.33
N ALA B 79 13.47 4.38 13.71
CA ALA B 79 12.78 3.14 13.41
C ALA B 79 13.81 2.06 13.13
N LYS B 80 13.43 0.81 13.43
CA LYS B 80 14.23 -0.37 13.14
C LYS B 80 13.46 -1.21 12.15
N THR B 81 14.20 -1.88 11.27
CA THR B 81 13.69 -2.51 10.06
C THR B 81 14.33 -3.86 9.82
N PHE B 82 13.55 -4.77 9.25
CA PHE B 82 14.11 -5.97 8.68
C PHE B 82 13.34 -6.36 7.43
N THR B 83 14.03 -7.05 6.55
CA THR B 83 13.53 -7.44 5.24
C THR B 83 13.35 -8.94 5.21
N ARG B 84 12.26 -9.36 4.59
CA ARG B 84 12.01 -10.74 4.20
C ARG B 84 11.69 -10.77 2.71
N THR B 85 12.08 -11.85 2.03
CA THR B 85 11.87 -12.03 0.60
C THR B 85 11.24 -13.37 0.29
N VAL B 86 10.22 -13.34 -0.56
CA VAL B 86 9.46 -14.54 -0.90
C VAL B 86 9.61 -14.78 -2.40
N TYR B 87 9.91 -16.03 -2.75
CA TYR B 87 10.11 -16.41 -4.13
C TYR B 87 9.01 -17.39 -4.53
N VAL B 88 8.21 -16.99 -5.51
CA VAL B 88 7.10 -17.80 -5.99
C VAL B 88 7.53 -18.51 -7.26
N ALA B 89 7.63 -19.84 -7.20
CA ALA B 89 8.09 -20.64 -8.32
C ALA B 89 6.89 -21.08 -9.15
N ASP B 90 7.14 -21.24 -10.45
CA ASP B 90 6.17 -21.78 -11.37
C ASP B 90 6.10 -23.28 -11.13
N ASN B 91 4.96 -23.77 -10.67
CA ASN B 91 4.77 -25.21 -10.51
C ASN B 91 4.54 -25.84 -11.87
N THR B 92 5.58 -26.45 -12.41
CA THR B 92 5.39 -27.44 -13.47
C THR B 92 6.42 -28.50 -13.15
N ALA B 93 6.09 -29.77 -13.40
CA ALA B 93 6.97 -30.85 -13.00
C ALA B 93 8.41 -30.55 -13.44
N SER B 94 9.37 -30.85 -12.59
CA SER B 94 10.78 -30.79 -12.96
C SER B 94 11.63 -31.62 -12.01
N PRO B 95 12.63 -32.35 -12.51
CA PRO B 95 13.58 -32.99 -11.60
C PRO B 95 14.29 -32.02 -10.70
N LEU B 96 14.29 -30.73 -11.05
CA LEU B 96 14.84 -29.68 -10.20
C LEU B 96 13.73 -29.11 -9.35
N LYS B 97 13.85 -29.28 -8.03
CA LYS B 97 12.93 -28.65 -7.12
C LYS B 97 13.44 -27.27 -6.72
N SER B 98 12.52 -26.42 -6.27
CA SER B 98 12.82 -25.10 -5.71
C SER B 98 12.58 -25.25 -4.20
N GLY B 99 13.31 -24.58 -3.30
CA GLY B 99 14.08 -23.41 -3.59
C GLY B 99 15.36 -23.18 -2.82
N ILE B 100 15.38 -23.30 -1.49
CA ILE B 100 16.60 -22.93 -0.75
C ILE B 100 17.59 -24.10 -0.84
N TYR B 101 18.70 -23.88 -1.53
CA TYR B 101 19.78 -24.86 -1.58
C TYR B 101 20.96 -24.43 -0.73
N THR B 102 21.64 -25.40 -0.14
CA THR B 102 22.84 -25.16 0.62
C THR B 102 24.04 -25.69 -0.14
N VAL B 103 25.14 -24.91 -0.14
CA VAL B 103 26.35 -25.34 -0.82
C VAL B 103 26.91 -26.58 -0.12
N ALA B 104 27.29 -27.58 -0.90
CA ALA B 104 27.73 -28.87 -0.38
C ALA B 104 29.15 -28.76 0.17
N GLU B 105 29.78 -29.91 0.47
CA GLU B 105 31.12 -29.80 1.03
C GLU B 105 32.23 -30.08 0.02
N GLY B 106 31.93 -30.72 -1.11
CA GLY B 106 32.98 -30.94 -2.11
C GLY B 106 33.28 -29.74 -3.01
N SER B 107 33.07 -28.53 -2.48
CA SER B 107 32.93 -27.33 -3.28
C SER B 107 34.17 -26.47 -3.10
N LYS B 108 34.75 -26.02 -4.22
CA LYS B 108 36.08 -25.44 -4.20
C LYS B 108 36.21 -24.28 -5.16
N ARG B 109 37.09 -23.34 -4.82
CA ARG B 109 37.75 -22.57 -5.86
C ARG B 109 38.86 -23.45 -6.44
N THR B 110 39.06 -23.38 -7.75
CA THR B 110 40.05 -24.20 -8.44
C THR B 110 41.11 -23.40 -9.18
N ALA B 111 41.17 -22.09 -8.98
CA ALA B 111 42.03 -21.21 -9.77
C ALA B 111 41.96 -19.82 -9.19
N PRO B 112 43.11 -19.16 -9.02
CA PRO B 112 44.46 -19.64 -9.33
C PRO B 112 44.98 -20.69 -8.35
N SER B 113 44.58 -20.57 -7.09
CA SER B 113 44.81 -21.55 -6.05
C SER B 113 43.55 -22.39 -5.85
N VAL B 114 43.53 -23.19 -4.78
CA VAL B 114 42.41 -24.06 -4.44
C VAL B 114 42.02 -23.82 -2.99
N VAL B 115 40.74 -23.54 -2.76
CA VAL B 115 40.15 -23.27 -1.45
C VAL B 115 38.78 -23.94 -1.41
N ALA B 116 38.50 -24.67 -0.35
CA ALA B 116 37.19 -25.26 -0.17
C ALA B 116 36.29 -24.33 0.64
N PHE B 117 34.96 -24.41 0.41
CA PHE B 117 34.04 -23.72 1.32
C PHE B 117 32.73 -24.47 1.46
N SER B 118 32.09 -24.22 2.59
CA SER B 118 31.09 -25.05 3.24
C SER B 118 29.66 -24.81 2.76
N GLY B 119 28.80 -24.28 3.64
CA GLY B 119 27.37 -24.32 3.45
C GLY B 119 26.68 -22.97 3.52
N TYR B 120 27.06 -22.09 2.62
CA TYR B 120 26.26 -20.90 2.39
C TYR B 120 24.95 -21.30 1.72
N GLU B 121 23.97 -20.40 1.78
CA GLU B 121 22.63 -20.69 1.29
C GLU B 121 22.32 -19.84 0.08
N ILE B 122 21.78 -20.47 -0.96
CA ILE B 122 21.39 -19.81 -2.18
C ILE B 122 19.99 -20.28 -2.52
N VAL B 123 19.34 -19.52 -3.41
CA VAL B 123 17.95 -19.75 -3.76
C VAL B 123 17.89 -20.13 -5.23
N ILE B 124 17.08 -21.15 -5.53
CA ILE B 124 16.90 -21.61 -6.91
C ILE B 124 15.42 -21.86 -7.13
N PHE B 125 14.80 -21.09 -8.02
CA PHE B 125 13.40 -21.39 -8.32
C PHE B 125 13.12 -21.20 -9.80
N GLN B 126 12.05 -21.88 -10.22
CA GLN B 126 11.57 -21.92 -11.59
C GLN B 126 10.64 -20.73 -11.82
N MET B 127 10.98 -19.84 -12.76
CA MET B 127 10.11 -18.72 -13.11
C MET B 127 9.16 -19.08 -14.23
N GLU B 128 9.62 -19.90 -15.17
CA GLU B 128 8.85 -20.39 -16.31
C GLU B 128 9.28 -21.84 -16.52
N PRO B 129 8.52 -22.62 -17.30
CA PRO B 129 8.78 -24.08 -17.35
C PRO B 129 10.23 -24.50 -17.50
N GLY B 130 10.92 -24.02 -18.53
CA GLY B 130 12.30 -24.41 -18.60
C GLY B 130 13.19 -23.83 -17.51
N ILE B 131 12.85 -22.65 -17.01
CA ILE B 131 13.83 -21.63 -16.69
C ILE B 131 13.86 -21.35 -15.18
N PHE B 132 15.07 -21.44 -14.61
CA PHE B 132 15.32 -21.30 -13.18
C PHE B 132 16.13 -20.04 -12.94
N TYR B 133 15.91 -19.45 -11.78
CA TYR B 133 16.63 -18.29 -11.29
C TYR B 133 17.59 -18.77 -10.20
N ILE B 134 18.74 -18.11 -10.08
CA ILE B 134 19.72 -18.48 -9.05
C ILE B 134 20.24 -17.23 -8.36
N SER B 135 20.24 -17.22 -7.03
CA SER B 135 20.74 -16.03 -6.35
C SER B 135 22.23 -15.81 -6.55
N ASP B 136 23.01 -16.89 -6.77
CA ASP B 136 24.47 -16.79 -6.80
C ASP B 136 25.05 -18.08 -7.40
N PHE B 137 25.41 -18.05 -8.69
CA PHE B 137 26.30 -19.02 -9.35
C PHE B 137 27.63 -19.28 -8.64
N LEU B 138 28.15 -18.32 -7.89
CA LEU B 138 29.42 -18.42 -7.21
C LEU B 138 29.28 -19.01 -5.80
N GLY B 139 28.07 -19.47 -5.45
CA GLY B 139 27.82 -20.17 -4.19
C GLY B 139 28.12 -19.41 -2.92
N GLY B 140 28.07 -18.10 -2.93
CA GLY B 140 28.35 -17.33 -1.76
C GLY B 140 29.79 -16.93 -1.56
N TRP B 141 30.66 -17.06 -2.57
CA TRP B 141 32.08 -16.77 -2.36
C TRP B 141 32.29 -15.30 -2.03
N TYR B 142 31.48 -14.39 -2.62
CA TYR B 142 31.76 -12.96 -2.44
C TYR B 142 30.88 -12.28 -1.38
N ASP B 143 29.53 -12.29 -1.47
CA ASP B 143 28.86 -11.98 -0.21
C ASP B 143 28.90 -13.24 0.62
N GLN B 144 28.39 -13.16 1.85
CA GLN B 144 28.50 -14.27 2.81
C GLN B 144 29.97 -14.48 3.21
N ARG B 145 30.74 -15.27 2.45
CA ARG B 145 32.12 -15.64 2.83
C ARG B 145 33.14 -14.51 2.68
N ALA B 146 32.75 -13.35 2.21
CA ALA B 146 33.70 -12.25 2.20
C ALA B 146 33.03 -11.00 2.77
N GLY B 147 31.69 -11.05 2.94
CA GLY B 147 30.92 -9.94 3.49
C GLY B 147 30.59 -8.86 2.50
N TYR B 148 31.01 -9.01 1.24
CA TYR B 148 30.82 -7.95 0.24
C TYR B 148 29.35 -7.61 0.01
N GLY B 149 28.42 -8.47 0.45
CA GLY B 149 27.03 -8.19 0.26
C GLY B 149 26.44 -8.68 -1.05
N PRO B 150 25.13 -8.84 -1.08
CA PRO B 150 24.47 -9.42 -2.23
C PRO B 150 24.61 -8.65 -3.52
N ASP B 151 25.30 -7.50 -3.50
CA ASP B 151 25.57 -6.80 -4.74
C ASP B 151 26.66 -7.49 -5.52
N TYR B 152 27.31 -8.47 -4.91
CA TYR B 152 28.24 -9.41 -5.53
C TYR B 152 27.49 -10.73 -5.63
N ALA B 153 28.16 -11.79 -6.04
CA ALA B 153 27.42 -13.02 -6.29
C ALA B 153 26.57 -12.92 -7.56
N MET B 154 26.67 -13.94 -8.43
CA MET B 154 26.17 -13.85 -9.80
C MET B 154 24.68 -14.20 -9.81
N VAL B 155 23.79 -13.21 -9.85
CA VAL B 155 22.40 -13.56 -10.13
C VAL B 155 22.31 -13.99 -11.58
N GLY B 156 21.51 -15.03 -11.83
CA GLY B 156 21.38 -15.55 -13.18
C GLY B 156 20.12 -16.35 -13.40
N LYS B 157 19.69 -16.39 -14.67
CA LYS B 157 18.78 -17.40 -15.21
C LYS B 157 19.58 -18.57 -15.77
N PHE B 158 19.00 -19.77 -15.71
CA PHE B 158 19.52 -20.85 -16.52
C PHE B 158 18.40 -21.83 -16.86
N GLU B 159 18.61 -22.57 -17.94
CA GLU B 159 17.63 -23.51 -18.49
C GLU B 159 18.13 -24.92 -18.21
N LEU B 160 17.21 -25.81 -17.82
CA LEU B 160 17.55 -27.19 -17.50
C LEU B 160 17.17 -28.07 -18.69
N ASN B 161 18.13 -28.81 -19.21
CA ASN B 161 17.94 -29.53 -20.45
C ASN B 161 17.44 -30.94 -20.18
N ASP B 162 17.04 -31.60 -21.27
CA ASP B 162 16.44 -32.92 -21.14
C ASP B 162 17.44 -34.00 -20.74
N ASP B 163 18.73 -33.67 -20.68
CA ASP B 163 19.77 -34.64 -20.35
C ASP B 163 20.50 -34.27 -19.06
N ASN B 164 19.81 -33.55 -18.17
CA ASN B 164 20.24 -33.31 -16.80
C ASN B 164 21.44 -32.36 -16.72
N THR B 165 21.65 -31.53 -17.74
CA THR B 165 22.65 -30.48 -17.68
C THR B 165 21.95 -29.15 -17.84
N ILE B 166 22.56 -28.09 -17.32
CA ILE B 166 21.96 -26.76 -17.37
C ILE B 166 22.76 -25.90 -18.34
N THR B 167 22.05 -25.32 -19.31
CA THR B 167 22.58 -24.23 -20.12
C THR B 167 22.28 -22.91 -19.41
N PRO B 168 23.29 -22.09 -19.13
CA PRO B 168 23.06 -20.79 -18.48
C PRO B 168 22.63 -19.72 -19.48
N LEU B 169 21.77 -18.81 -19.01
CA LEU B 169 21.36 -17.67 -19.84
C LEU B 169 21.92 -16.35 -19.30
N GLU B 170 21.15 -15.58 -18.55
CA GLU B 170 21.72 -14.42 -17.89
C GLU B 170 22.65 -14.83 -16.74
N SER B 171 23.50 -13.89 -16.33
CA SER B 171 24.35 -13.95 -15.15
C SER B 171 25.03 -12.59 -14.97
N TYR B 172 25.00 -12.04 -13.76
CA TYR B 172 25.46 -10.67 -13.61
C TYR B 172 25.86 -10.40 -12.16
N VAL B 173 27.06 -9.85 -11.98
CA VAL B 173 27.51 -9.35 -10.69
C VAL B 173 27.41 -7.84 -10.75
N ALA B 174 26.41 -7.28 -10.08
CA ALA B 174 26.37 -5.85 -9.92
C ALA B 174 27.58 -5.39 -9.13
N GLY B 175 27.92 -4.14 -9.27
CA GLY B 175 29.09 -3.73 -8.51
C GLY B 175 30.42 -4.11 -9.11
N TRP B 176 30.47 -5.02 -10.10
CA TRP B 176 31.72 -5.40 -10.74
C TRP B 176 31.70 -5.53 -12.26
N GLY B 177 30.67 -5.07 -12.94
CA GLY B 177 30.69 -5.30 -14.37
C GLY B 177 29.35 -5.91 -14.68
N ASP B 178 29.18 -7.22 -14.90
CA ASP B 178 30.16 -8.32 -15.04
C ASP B 178 29.36 -9.64 -15.16
N SER B 179 29.60 -10.43 -16.21
CA SER B 179 29.00 -11.76 -16.35
C SER B 179 30.03 -12.85 -16.04
N MET B 180 29.75 -14.07 -16.47
CA MET B 180 30.74 -15.13 -16.32
C MET B 180 31.46 -15.29 -17.65
N ASP B 181 32.60 -16.00 -17.59
CA ASP B 181 33.43 -16.19 -18.78
C ASP B 181 32.99 -17.43 -19.55
N GLN B 182 32.81 -18.54 -18.85
CA GLN B 182 32.09 -19.68 -19.38
C GLN B 182 31.72 -20.61 -18.24
N MET B 183 30.78 -21.51 -18.52
CA MET B 183 30.37 -22.52 -17.57
C MET B 183 30.42 -23.87 -18.25
N THR B 184 30.92 -24.88 -17.55
CA THR B 184 31.02 -26.21 -18.12
C THR B 184 30.68 -27.24 -17.05
N ASN B 185 30.69 -28.50 -17.46
CA ASN B 185 30.66 -29.63 -16.53
C ASN B 185 29.44 -29.59 -15.62
N THR B 186 28.30 -29.16 -16.11
CA THR B 186 27.15 -29.13 -15.22
C THR B 186 26.51 -30.50 -15.23
N LEU B 187 25.89 -30.86 -14.11
CA LEU B 187 25.10 -32.07 -14.03
C LEU B 187 24.13 -31.97 -12.86
N LEU B 188 22.89 -32.41 -13.08
CA LEU B 188 21.91 -32.64 -12.02
C LEU B 188 21.79 -34.14 -11.83
N ASP B 189 21.54 -34.59 -10.59
CA ASP B 189 21.71 -36.02 -10.35
C ASP B 189 20.73 -36.97 -11.07
N PRO B 190 19.39 -36.78 -11.01
CA PRO B 190 18.61 -35.70 -10.41
C PRO B 190 18.51 -35.87 -8.92
N ALA B 191 17.72 -36.84 -8.45
CA ALA B 191 17.66 -37.15 -7.03
C ALA B 191 18.36 -38.49 -6.78
N THR B 192 19.38 -38.62 -5.91
CA THR B 192 19.87 -37.77 -4.76
C THR B 192 18.88 -36.78 -4.05
N GLY B 193 18.76 -35.46 -4.31
CA GLY B 193 19.16 -34.69 -5.48
C GLY B 193 20.12 -33.53 -5.36
N THR B 194 21.14 -33.54 -6.22
CA THR B 194 22.27 -32.63 -6.13
C THR B 194 22.69 -32.10 -7.50
N LEU B 195 22.80 -30.77 -7.59
CA LEU B 195 23.13 -30.06 -8.83
C LEU B 195 24.54 -29.48 -8.71
N LYS B 196 25.36 -29.70 -9.76
CA LYS B 196 26.78 -29.36 -9.77
C LYS B 196 27.10 -28.55 -11.03
N TRP B 197 28.08 -27.65 -10.93
CA TRP B 197 28.57 -26.93 -12.10
C TRP B 197 29.98 -26.40 -11.84
N THR B 198 30.66 -26.03 -12.92
CA THR B 198 31.89 -25.25 -12.82
C THR B 198 31.71 -23.98 -13.60
N VAL B 199 31.96 -22.86 -12.92
CA VAL B 199 31.84 -21.53 -13.48
C VAL B 199 33.20 -20.82 -13.43
N ALA B 200 33.51 -20.05 -14.49
CA ALA B 200 34.72 -19.25 -14.54
C ALA B 200 34.36 -17.77 -14.58
N TYR B 201 34.98 -16.97 -13.68
CA TYR B 201 34.80 -15.54 -13.53
C TYR B 201 36.15 -14.81 -13.70
N ALA B 202 36.09 -13.48 -13.82
CA ALA B 202 37.22 -12.56 -13.77
C ALA B 202 38.45 -13.01 -14.56
N GLY B 203 38.25 -13.96 -15.46
CA GLY B 203 39.28 -14.38 -16.39
C GLY B 203 40.36 -15.22 -15.76
N GLN B 204 40.56 -15.08 -14.46
CA GLN B 204 41.66 -15.77 -13.79
C GLN B 204 41.23 -16.88 -12.84
N LEU B 205 39.94 -17.06 -12.60
CA LEU B 205 39.51 -17.95 -11.54
C LEU B 205 38.30 -18.78 -11.98
N SER B 206 38.11 -19.90 -11.29
CA SER B 206 37.19 -20.97 -11.66
C SER B 206 36.71 -21.67 -10.39
N PHE B 207 35.41 -22.02 -10.34
CA PHE B 207 34.81 -22.62 -9.14
C PHE B 207 34.04 -23.89 -9.48
N ASP B 208 34.19 -24.91 -8.63
CA ASP B 208 33.42 -26.15 -8.68
C ASP B 208 32.41 -26.06 -7.54
N ILE B 209 31.14 -25.87 -7.90
CA ILE B 209 30.05 -25.74 -6.92
C ILE B 209 29.21 -27.02 -6.95
N ILE B 210 28.70 -27.37 -5.78
CA ILE B 210 27.73 -28.45 -5.59
C ILE B 210 26.70 -27.94 -4.60
N VAL B 211 25.41 -28.13 -4.90
CA VAL B 211 24.34 -27.69 -4.02
C VAL B 211 23.36 -28.84 -3.76
N LYS B 212 22.69 -28.77 -2.62
CA LYS B 212 21.63 -29.69 -2.22
C LYS B 212 20.85 -29.04 -1.08
N GLN B 213 19.62 -29.49 -0.89
CA GLN B 213 18.79 -28.86 0.14
C GLN B 213 18.67 -29.70 1.40
N PHE C 15 -28.14 -0.14 3.91
CA PHE C 15 -27.14 -0.96 4.61
C PHE C 15 -26.10 -0.14 5.40
N VAL C 16 -24.85 -0.28 4.95
CA VAL C 16 -23.77 0.67 5.20
C VAL C 16 -24.11 2.01 4.53
N THR C 17 -23.53 3.09 5.06
CA THR C 17 -23.63 4.42 4.49
C THR C 17 -22.23 4.96 4.26
N LEU C 18 -21.95 5.43 3.05
CA LEU C 18 -20.65 6.01 2.75
C LEU C 18 -20.83 7.29 1.96
N GLU C 19 -20.21 8.37 2.44
CA GLU C 19 -20.37 9.67 1.82
C GLU C 19 -19.00 10.30 1.60
N ARG C 20 -18.85 10.98 0.45
CA ARG C 20 -17.64 11.73 0.13
C ARG C 20 -17.83 13.20 0.50
N GLU C 21 -16.92 13.71 1.32
CA GLU C 21 -16.85 15.13 1.63
C GLU C 21 -15.84 15.79 0.69
N GLY C 22 -16.14 17.01 0.26
CA GLY C 22 -15.31 17.73 -0.70
C GLY C 22 -15.57 17.30 -2.13
N ASP C 23 -14.77 17.87 -3.05
CA ASP C 23 -14.98 17.65 -4.47
C ASP C 23 -14.59 16.23 -4.90
N GLU C 24 -15.15 15.78 -6.04
CA GLU C 24 -14.72 14.50 -6.61
C GLU C 24 -13.38 14.64 -7.34
N LYS C 25 -13.12 15.78 -7.95
CA LYS C 25 -11.83 15.98 -8.60
C LYS C 25 -11.19 17.25 -8.05
N ILE C 26 -9.88 17.22 -7.80
CA ILE C 26 -9.17 18.32 -7.16
C ILE C 26 -7.89 18.60 -7.93
N VAL C 27 -7.48 19.86 -7.97
CA VAL C 27 -6.28 20.30 -8.66
C VAL C 27 -5.45 21.15 -7.71
N LEU C 28 -4.29 20.65 -7.31
CA LEU C 28 -3.28 21.37 -6.56
C LEU C 28 -2.12 21.72 -7.48
N GLU C 29 -1.40 22.76 -7.11
CA GLU C 29 -0.10 23.00 -7.73
C GLU C 29 0.99 22.43 -6.84
N LYS C 30 2.14 22.16 -7.48
CA LYS C 30 3.29 21.47 -6.88
C LYS C 30 3.58 21.94 -5.46
N GLY C 31 3.95 21.02 -4.59
CA GLY C 31 4.34 21.42 -3.24
C GLY C 31 3.19 21.59 -2.28
N GLN C 32 2.16 22.32 -2.69
CA GLN C 32 0.91 22.51 -1.96
C GLN C 32 0.47 21.21 -1.31
N PRO C 33 0.49 21.13 0.03
CA PRO C 33 0.11 19.88 0.70
C PRO C 33 -1.32 19.46 0.41
N PHE C 34 -1.57 18.16 0.58
CA PHE C 34 -2.89 17.57 0.38
C PHE C 34 -3.49 17.16 1.73
N VAL C 35 -4.48 17.91 2.18
CA VAL C 35 -5.20 17.54 3.39
C VAL C 35 -6.54 16.95 2.97
N GLU C 36 -6.80 15.70 3.38
CA GLU C 36 -8.00 14.96 2.99
C GLU C 36 -9.27 15.78 3.17
N PRO C 37 -10.11 15.94 2.13
CA PRO C 37 -11.37 16.70 2.29
C PRO C 37 -12.32 16.09 3.30
N GLY C 38 -12.26 14.77 3.48
CA GLY C 38 -13.05 14.09 4.48
C GLY C 38 -13.93 13.04 3.84
N TYR C 39 -14.71 12.38 4.70
CA TYR C 39 -15.63 11.30 4.33
C TYR C 39 -16.33 10.87 5.61
N TYR C 40 -17.40 10.08 5.46
CA TYR C 40 -18.20 9.63 6.59
C TYR C 40 -18.87 8.31 6.28
N ALA C 41 -18.80 7.36 7.23
CA ALA C 41 -19.34 6.02 7.01
C ALA C 41 -20.06 5.53 8.26
N GLU C 42 -21.24 4.94 8.04
CA GLU C 42 -22.10 4.47 9.12
C GLU C 42 -22.67 3.10 8.76
N MET C 43 -22.70 2.21 9.75
CA MET C 43 -23.30 0.89 9.57
C MET C 43 -24.16 0.57 10.78
N ASN C 44 -25.46 0.38 10.54
CA ASN C 44 -26.40 0.02 11.59
C ASN C 44 -26.54 1.11 12.63
N GLY C 45 -26.42 2.37 12.20
CA GLY C 45 -26.54 3.49 13.11
C GLY C 45 -25.28 3.88 13.83
N GLU C 46 -24.27 3.01 13.90
CA GLU C 46 -22.99 3.32 14.52
C GLU C 46 -22.03 3.91 13.48
N ASP C 47 -21.14 4.79 13.96
CA ASP C 47 -20.22 5.48 13.08
C ASP C 47 -19.04 4.54 12.82
N ILE C 48 -18.77 4.23 11.56
CA ILE C 48 -17.60 3.39 11.26
C ILE C 48 -16.63 4.12 10.34
N THR C 49 -16.52 5.44 10.52
CA THR C 49 -15.59 6.21 9.72
C THR C 49 -14.14 5.76 9.94
N GLU C 50 -13.81 5.27 11.14
CA GLU C 50 -12.48 4.73 11.39
C GLU C 50 -12.14 3.57 10.47
N SER C 51 -13.15 2.78 10.08
CA SER C 51 -12.91 1.55 9.34
C SER C 51 -12.68 1.77 7.86
N VAL C 52 -12.93 2.97 7.35
CA VAL C 52 -12.73 3.20 5.93
C VAL C 52 -11.25 3.05 5.60
N GLN C 53 -10.97 2.33 4.52
CA GLN C 53 -9.63 2.10 4.02
C GLN C 53 -9.48 2.75 2.65
N ILE C 54 -8.31 3.36 2.42
CA ILE C 54 -8.05 4.15 1.23
C ILE C 54 -6.91 3.50 0.45
N LYS C 55 -7.10 3.30 -0.87
CA LYS C 55 -6.05 2.76 -1.73
C LYS C 55 -5.49 3.86 -2.60
N GLY C 56 -4.20 4.13 -2.46
CA GLY C 56 -3.52 5.12 -3.27
C GLY C 56 -2.92 6.22 -2.43
N SER C 57 -2.05 7.00 -3.08
CA SER C 57 -1.28 8.04 -2.42
C SER C 57 -1.14 9.25 -3.33
N VAL C 58 -1.04 10.43 -2.73
CA VAL C 58 -0.92 11.67 -3.46
C VAL C 58 0.45 12.26 -3.16
N ASP C 59 1.35 12.19 -4.14
CA ASP C 59 2.66 12.80 -4.05
C ASP C 59 2.57 14.19 -4.67
N VAL C 60 2.30 15.20 -3.82
CA VAL C 60 2.06 16.55 -4.32
C VAL C 60 3.33 17.22 -4.83
N ASN C 61 4.51 16.66 -4.55
CA ASN C 61 5.75 17.20 -5.11
C ASN C 61 6.11 16.59 -6.45
N THR C 62 5.22 15.78 -7.01
CA THR C 62 5.39 15.20 -8.34
C THR C 62 4.14 15.44 -9.19
N PRO C 63 4.22 16.29 -10.22
CA PRO C 63 3.04 16.56 -11.05
C PRO C 63 2.50 15.28 -11.64
N GLY C 64 1.19 15.14 -11.61
CA GLY C 64 0.58 13.98 -12.21
C GLY C 64 -0.80 13.74 -11.63
N ILE C 65 -1.35 12.58 -11.99
CA ILE C 65 -2.72 12.21 -11.66
C ILE C 65 -2.67 11.10 -10.60
N TYR C 66 -3.36 11.34 -9.48
CA TYR C 66 -3.38 10.42 -8.36
C TYR C 66 -4.81 10.04 -8.04
N ASN C 67 -5.13 8.76 -8.18
CA ASN C 67 -6.47 8.28 -7.87
C ASN C 67 -6.49 7.58 -6.53
N LEU C 68 -7.43 8.00 -5.67
CA LEU C 68 -7.69 7.34 -4.41
C LEU C 68 -9.04 6.65 -4.47
N VAL C 69 -9.14 5.48 -3.83
CA VAL C 69 -10.40 4.74 -3.74
C VAL C 69 -10.73 4.50 -2.28
N TYR C 70 -11.93 4.89 -1.86
CA TYR C 70 -12.35 4.75 -0.47
C TYR C 70 -13.38 3.64 -0.33
N ALA C 71 -13.16 2.75 0.64
CA ALA C 71 -13.96 1.55 0.84
C ALA C 71 -14.45 1.46 2.27
N ALA C 72 -15.69 0.99 2.42
CA ALA C 72 -16.34 0.79 3.70
C ALA C 72 -16.99 -0.58 3.65
N TYR C 73 -16.59 -1.47 4.56
CA TYR C 73 -16.94 -2.86 4.38
C TYR C 73 -18.23 -3.21 5.12
N ASN C 74 -18.88 -4.25 4.63
CA ASN C 74 -20.12 -4.75 5.20
C ASN C 74 -19.85 -6.20 5.60
N GLU C 75 -20.88 -6.89 6.05
CA GLU C 75 -20.63 -8.10 6.83
C GLU C 75 -20.46 -9.37 6.01
N ASP C 76 -20.97 -9.41 4.77
CA ASP C 76 -20.85 -10.63 3.97
C ASP C 76 -20.07 -10.36 2.70
N GLY C 77 -18.85 -9.88 2.84
CA GLY C 77 -18.06 -9.52 1.69
C GLY C 77 -18.59 -8.35 0.89
N PHE C 78 -19.58 -7.62 1.38
CA PHE C 78 -20.04 -6.45 0.65
C PHE C 78 -19.27 -5.23 1.11
N ALA C 79 -19.23 -4.22 0.23
CA ALA C 79 -18.52 -2.98 0.50
C ALA C 79 -19.20 -1.84 -0.25
N LYS C 80 -18.82 -0.61 0.09
CA LYS C 80 -19.18 0.54 -0.72
C LYS C 80 -17.92 1.36 -0.94
N THR C 81 -17.97 2.18 -1.98
CA THR C 81 -16.80 2.73 -2.65
C THR C 81 -17.14 4.10 -3.21
N PHE C 82 -16.18 4.99 -3.13
CA PHE C 82 -16.18 6.15 -4.00
C PHE C 82 -14.75 6.50 -4.31
N THR C 83 -14.57 7.24 -5.40
CA THR C 83 -13.24 7.52 -5.94
C THR C 83 -13.01 9.01 -5.86
N ARG C 84 -11.75 9.38 -5.69
CA ARG C 84 -11.33 10.77 -5.72
C ARG C 84 -10.05 10.84 -6.54
N THR C 85 -9.93 11.89 -7.36
CA THR C 85 -8.81 12.06 -8.26
C THR C 85 -8.15 13.41 -8.01
N VAL C 86 -6.86 13.40 -7.74
CA VAL C 86 -6.13 14.61 -7.42
C VAL C 86 -5.08 14.81 -8.50
N TYR C 87 -5.04 16.03 -9.05
CA TYR C 87 -4.15 16.39 -10.14
C TYR C 87 -3.14 17.40 -9.63
N VAL C 88 -1.86 17.09 -9.75
CA VAL C 88 -0.78 17.93 -9.25
C VAL C 88 -0.19 18.70 -10.42
N ALA C 89 -0.26 20.03 -10.36
CA ALA C 89 0.10 20.87 -11.49
C ALA C 89 1.56 21.31 -11.41
N ASP C 90 2.13 21.64 -12.56
CA ASP C 90 3.56 21.93 -12.64
C ASP C 90 3.80 23.43 -12.46
N ASN C 91 3.65 23.86 -11.20
CA ASN C 91 4.22 25.08 -10.63
C ASN C 91 4.55 26.21 -11.61
N THR C 92 5.48 25.93 -12.53
CA THR C 92 6.20 26.85 -13.40
C THR C 92 5.61 28.27 -13.41
N ALA C 93 4.87 28.59 -14.47
CA ALA C 93 4.28 29.92 -14.66
C ALA C 93 3.67 29.97 -16.04
N SER C 94 2.50 30.55 -16.13
CA SER C 94 1.79 30.64 -17.40
C SER C 94 0.55 31.48 -17.18
N PRO C 95 0.02 32.12 -18.22
CA PRO C 95 -1.32 32.72 -18.10
C PRO C 95 -2.44 31.69 -18.01
N LEU C 96 -2.18 30.41 -18.32
CA LEU C 96 -3.16 29.34 -18.10
C LEU C 96 -3.08 28.82 -16.67
N LYS C 97 -4.13 29.05 -15.88
CA LYS C 97 -4.23 28.49 -14.55
C LYS C 97 -4.80 27.08 -14.62
N SER C 98 -4.32 26.19 -13.75
CA SER C 98 -5.01 24.93 -13.49
C SER C 98 -6.01 25.30 -12.38
N GLY C 99 -7.14 24.58 -12.22
CA GLY C 99 -7.47 23.39 -12.95
C GLY C 99 -8.87 23.13 -13.49
N ILE C 100 -9.96 23.37 -12.74
CA ILE C 100 -11.27 22.85 -13.11
C ILE C 100 -12.09 23.94 -13.79
N TYR C 101 -12.11 23.88 -15.12
CA TYR C 101 -12.81 24.81 -15.97
C TYR C 101 -14.23 24.32 -16.26
N THR C 102 -15.15 25.27 -16.35
CA THR C 102 -16.52 24.99 -16.74
C THR C 102 -16.69 25.39 -18.19
N VAL C 103 -17.53 24.65 -18.93
CA VAL C 103 -17.85 25.02 -20.29
C VAL C 103 -18.77 26.23 -20.30
N ALA C 104 -18.41 27.24 -21.08
CA ALA C 104 -19.05 28.55 -21.04
C ALA C 104 -20.39 28.54 -21.78
N GLU C 105 -21.02 29.70 -21.92
CA GLU C 105 -22.36 29.71 -22.48
C GLU C 105 -22.35 29.89 -23.99
N GLY C 106 -21.25 30.27 -24.60
CA GLY C 106 -21.23 30.28 -26.05
C GLY C 106 -20.75 29.00 -26.71
N SER C 107 -21.11 27.84 -26.17
CA SER C 107 -20.51 26.58 -26.61
C SER C 107 -21.49 25.80 -27.48
N LYS C 108 -21.02 25.38 -28.66
CA LYS C 108 -21.90 24.84 -29.67
C LYS C 108 -21.26 23.65 -30.38
N ARG C 109 -22.08 22.67 -30.73
CA ARG C 109 -21.79 21.90 -31.92
C ARG C 109 -22.14 22.73 -33.15
N THR C 110 -21.27 22.73 -34.15
CA THR C 110 -21.56 23.45 -35.38
C THR C 110 -21.73 22.56 -36.61
N ALA C 111 -21.60 21.24 -36.47
CA ALA C 111 -21.72 20.33 -37.60
C ALA C 111 -22.08 18.94 -37.12
N PRO C 112 -23.03 18.29 -37.80
CA PRO C 112 -23.73 18.70 -39.03
C PRO C 112 -24.83 19.72 -38.78
N SER C 113 -25.52 19.57 -37.66
CA SER C 113 -26.46 20.55 -37.17
C SER C 113 -25.75 21.45 -36.16
N VAL C 114 -26.51 22.28 -35.45
CA VAL C 114 -26.00 23.21 -34.44
C VAL C 114 -26.76 23.01 -33.13
N VAL C 115 -26.00 22.81 -32.04
CA VAL C 115 -26.54 22.55 -30.70
C VAL C 115 -25.66 23.24 -29.67
N ALA C 116 -26.29 24.02 -28.79
CA ALA C 116 -25.58 24.66 -27.70
C ALA C 116 -25.68 23.80 -26.45
N PHE C 117 -24.57 23.76 -25.70
CA PHE C 117 -24.47 23.05 -24.43
C PHE C 117 -23.45 23.75 -23.55
N SER C 118 -23.71 23.75 -22.23
CA SER C 118 -22.91 24.55 -21.32
C SER C 118 -22.88 23.90 -19.94
N GLY C 119 -21.97 24.37 -19.09
CA GLY C 119 -21.93 23.98 -17.68
C GLY C 119 -21.42 22.59 -17.36
N TYR C 120 -20.47 22.07 -18.11
CA TYR C 120 -19.83 20.79 -17.83
C TYR C 120 -18.41 21.04 -17.34
N GLU C 121 -18.01 20.29 -16.31
CA GLU C 121 -16.70 20.52 -15.71
C GLU C 121 -15.66 19.64 -16.37
N ILE C 122 -14.55 20.27 -16.75
CA ILE C 122 -13.36 19.62 -17.28
C ILE C 122 -12.16 20.10 -16.46
N VAL C 123 -11.02 19.46 -16.70
CA VAL C 123 -9.80 19.73 -15.93
C VAL C 123 -8.63 19.98 -16.89
N ILE C 124 -7.90 21.05 -16.63
CA ILE C 124 -6.73 21.48 -17.40
C ILE C 124 -5.61 21.76 -16.42
N PHE C 125 -4.50 21.04 -16.52
CA PHE C 125 -3.40 21.32 -15.61
C PHE C 125 -2.08 21.18 -16.35
N GLN C 126 -1.08 21.90 -15.84
CA GLN C 126 0.24 21.95 -16.46
C GLN C 126 1.05 20.72 -16.02
N MET C 127 1.54 19.94 -16.98
CA MET C 127 2.41 18.81 -16.70
C MET C 127 3.87 19.18 -16.82
N GLU C 128 4.23 20.04 -17.76
CA GLU C 128 5.59 20.53 -17.97
C GLU C 128 5.44 21.98 -18.43
N PRO C 129 6.54 22.75 -18.42
CA PRO C 129 6.40 24.22 -18.63
C PRO C 129 5.52 24.69 -19.79
N GLY C 130 5.69 24.16 -20.99
CA GLY C 130 4.79 24.63 -22.04
C GLY C 130 3.48 23.88 -22.13
N ILE C 131 3.38 22.74 -21.44
CA ILE C 131 2.49 21.65 -21.83
C ILE C 131 1.43 21.38 -20.76
N PHE C 132 0.18 21.25 -21.21
CA PHE C 132 -1.01 21.12 -20.37
C PHE C 132 -1.82 19.87 -20.73
N TYR C 133 -2.53 19.33 -19.73
CA TYR C 133 -3.39 18.14 -19.87
C TYR C 133 -4.85 18.56 -19.79
N ILE C 134 -5.72 17.86 -20.52
CA ILE C 134 -7.17 18.09 -20.47
C ILE C 134 -7.97 16.80 -20.35
N SER C 135 -9.07 16.88 -19.61
CA SER C 135 -9.92 15.69 -19.51
C SER C 135 -10.72 15.48 -20.79
N ASP C 136 -11.00 16.56 -21.53
CA ASP C 136 -11.92 16.49 -22.65
C ASP C 136 -11.82 17.72 -23.55
N PHE C 137 -11.23 17.56 -24.74
CA PHE C 137 -11.33 18.52 -25.82
C PHE C 137 -12.76 18.80 -26.24
N LEU C 138 -13.66 17.88 -25.98
CA LEU C 138 -14.98 17.79 -26.57
C LEU C 138 -16.05 18.41 -25.65
N GLY C 139 -15.64 18.93 -24.50
CA GLY C 139 -16.49 19.75 -23.68
C GLY C 139 -17.46 18.99 -22.81
N GLY C 140 -17.42 17.68 -22.82
CA GLY C 140 -18.39 16.87 -22.12
C GLY C 140 -19.55 16.43 -22.96
N TRP C 141 -19.42 16.50 -24.30
CA TRP C 141 -20.51 16.17 -25.21
C TRP C 141 -20.93 14.72 -25.09
N TYR C 142 -19.99 13.82 -24.76
CA TYR C 142 -20.27 12.40 -24.84
C TYR C 142 -20.39 11.75 -23.46
N ASP C 143 -19.36 11.79 -22.61
CA ASP C 143 -19.75 11.52 -21.24
C ASP C 143 -20.36 12.78 -20.68
N GLN C 144 -20.89 12.68 -19.47
CA GLN C 144 -21.68 13.77 -18.92
C GLN C 144 -22.97 13.98 -19.75
N ARG C 145 -22.87 14.62 -20.93
CA ARG C 145 -24.09 14.92 -21.69
C ARG C 145 -24.82 13.68 -22.14
N ALA C 146 -24.38 13.08 -23.24
CA ALA C 146 -24.91 11.76 -23.56
C ALA C 146 -24.56 10.70 -22.52
N GLY C 147 -23.80 11.04 -21.48
CA GLY C 147 -23.49 10.14 -20.39
C GLY C 147 -22.86 8.82 -20.78
N TYR C 148 -21.90 8.82 -21.70
CA TYR C 148 -21.27 7.58 -22.12
C TYR C 148 -20.14 7.14 -21.20
N GLY C 149 -19.70 7.99 -20.29
CA GLY C 149 -18.59 7.67 -19.43
C GLY C 149 -17.28 8.26 -19.89
N PRO C 150 -16.33 8.42 -18.96
CA PRO C 150 -15.04 9.00 -19.33
C PRO C 150 -14.30 8.20 -20.38
N ASP C 151 -14.75 6.99 -20.73
CA ASP C 151 -14.11 6.28 -21.84
C ASP C 151 -14.37 6.98 -23.16
N TYR C 152 -15.13 8.06 -23.11
CA TYR C 152 -15.33 8.90 -24.27
C TYR C 152 -14.87 10.29 -23.87
N ALA C 153 -15.02 11.26 -24.77
CA ALA C 153 -14.29 12.52 -24.60
C ALA C 153 -12.78 12.35 -24.79
N MET C 154 -12.13 13.42 -25.25
CA MET C 154 -10.77 13.39 -25.79
C MET C 154 -9.78 13.76 -24.71
N VAL C 155 -9.11 12.79 -24.11
CA VAL C 155 -7.96 13.18 -23.32
C VAL C 155 -6.85 13.61 -24.27
N GLY C 156 -5.98 14.49 -23.81
CA GLY C 156 -4.94 15.01 -24.69
C GLY C 156 -4.01 15.99 -23.99
N LYS C 157 -2.83 16.16 -24.58
CA LYS C 157 -1.90 17.23 -24.23
C LYS C 157 -2.04 18.37 -25.25
N PHE C 158 -1.58 19.55 -24.86
CA PHE C 158 -1.43 20.67 -25.77
C PHE C 158 -0.42 21.65 -25.20
N GLU C 159 0.21 22.38 -26.10
CA GLU C 159 1.19 23.40 -25.74
C GLU C 159 0.56 24.78 -25.89
N LEU C 160 0.86 25.68 -24.96
CA LEU C 160 0.41 27.07 -25.02
C LEU C 160 1.52 27.96 -25.58
N ASN C 161 1.24 28.62 -26.70
CA ASN C 161 2.25 29.40 -27.40
C ASN C 161 2.34 30.83 -26.85
N ASP C 162 3.43 31.51 -27.22
CA ASP C 162 3.68 32.85 -26.71
C ASP C 162 2.66 33.85 -27.19
N ASP C 163 1.78 33.47 -28.11
CA ASP C 163 0.85 34.39 -28.75
C ASP C 163 -0.59 34.03 -28.40
N ASN C 164 -0.77 33.35 -27.27
CA ASN C 164 -2.08 33.00 -26.70
C ASN C 164 -2.87 32.01 -27.55
N THR C 165 -2.23 31.23 -28.41
CA THR C 165 -2.92 30.21 -29.17
C THR C 165 -2.53 28.84 -28.67
N ILE C 166 -3.30 27.83 -29.08
CA ILE C 166 -3.19 26.55 -28.43
C ILE C 166 -2.83 25.56 -29.54
N THR C 167 -1.67 24.90 -29.40
CA THR C 167 -1.26 23.90 -30.39
C THR C 167 -1.46 22.52 -29.78
N PRO C 168 -2.36 21.70 -30.32
CA PRO C 168 -2.64 20.40 -29.71
C PRO C 168 -1.58 19.37 -30.03
N LEU C 169 -1.32 18.50 -29.07
CA LEU C 169 -0.39 17.38 -29.31
C LEU C 169 -1.17 16.06 -29.31
N GLU C 170 -0.95 15.22 -28.30
CA GLU C 170 -1.78 14.03 -28.12
C GLU C 170 -3.27 14.41 -27.98
N SER C 171 -4.13 13.51 -28.44
CA SER C 171 -5.57 13.60 -28.23
C SER C 171 -6.20 12.26 -28.58
N TYR C 172 -6.97 11.67 -27.68
CA TYR C 172 -7.39 10.29 -27.93
C TYR C 172 -8.68 9.98 -27.19
N VAL C 173 -9.63 9.36 -27.90
CA VAL C 173 -10.87 8.86 -27.29
C VAL C 173 -10.80 7.35 -27.22
N ALA C 174 -10.79 6.82 -26.00
CA ALA C 174 -10.95 5.38 -25.82
C ALA C 174 -12.27 4.93 -26.45
N GLY C 175 -12.47 3.63 -26.52
CA GLY C 175 -13.77 3.14 -26.93
C GLY C 175 -14.22 3.38 -28.36
N TRP C 176 -13.62 4.35 -29.06
CA TRP C 176 -14.00 4.68 -30.44
C TRP C 176 -12.83 4.81 -31.40
N GLY C 177 -11.62 4.49 -30.99
CA GLY C 177 -10.51 4.62 -31.92
C GLY C 177 -9.34 5.24 -31.23
N ASP C 178 -9.07 6.56 -31.34
CA ASP C 178 -9.69 7.59 -32.19
C ASP C 178 -9.15 8.96 -31.80
N SER C 179 -8.58 9.68 -32.76
CA SER C 179 -8.03 10.98 -32.44
C SER C 179 -8.95 12.06 -33.02
N MET C 180 -8.55 13.31 -32.91
CA MET C 180 -9.31 14.40 -33.50
C MET C 180 -8.81 14.70 -34.91
N ASP C 181 -9.73 15.18 -35.74
CA ASP C 181 -9.42 15.44 -37.13
C ASP C 181 -8.66 16.75 -37.34
N GLN C 182 -9.06 17.81 -36.63
CA GLN C 182 -8.42 19.11 -36.82
C GLN C 182 -8.84 20.00 -35.66
N MET C 183 -7.96 20.94 -35.29
CA MET C 183 -8.29 21.99 -34.34
C MET C 183 -7.88 23.35 -34.89
N THR C 184 -8.79 24.32 -34.84
CA THR C 184 -8.57 25.64 -35.42
C THR C 184 -9.20 26.72 -34.54
N ASN C 185 -8.90 27.98 -34.86
CA ASN C 185 -9.46 29.16 -34.15
C ASN C 185 -9.29 29.08 -32.64
N THR C 186 -8.09 28.70 -32.23
CA THR C 186 -7.71 28.63 -30.82
C THR C 186 -7.28 30.00 -30.32
N LEU C 187 -7.71 30.36 -29.11
CA LEU C 187 -7.31 31.64 -28.54
C LEU C 187 -7.45 31.62 -27.02
N LEU C 188 -6.42 32.14 -26.34
CA LEU C 188 -6.45 32.35 -24.90
C LEU C 188 -6.50 33.84 -24.60
N ASP C 189 -7.32 34.22 -23.62
CA ASP C 189 -7.54 35.61 -23.23
C ASP C 189 -7.21 35.72 -21.74
N PRO C 190 -6.04 36.26 -21.37
CA PRO C 190 -5.66 36.29 -19.94
C PRO C 190 -6.60 37.13 -19.07
N ALA C 191 -6.99 38.33 -19.53
CA ALA C 191 -8.19 38.96 -19.02
C ALA C 191 -9.36 38.02 -19.22
N THR C 192 -10.30 37.99 -18.27
CA THR C 192 -11.43 37.07 -18.30
C THR C 192 -11.02 35.61 -18.10
N GLY C 193 -9.75 35.27 -18.36
CA GLY C 193 -9.28 33.90 -18.22
C GLY C 193 -10.13 32.88 -18.94
N THR C 194 -10.14 32.95 -20.27
CA THR C 194 -11.14 32.29 -21.09
C THR C 194 -10.50 31.67 -22.33
N LEU C 195 -10.69 30.35 -22.48
CA LEU C 195 -10.00 29.55 -23.49
C LEU C 195 -11.03 29.10 -24.51
N LYS C 196 -10.82 29.48 -25.78
CA LYS C 196 -11.69 29.07 -26.87
C LYS C 196 -10.85 28.28 -27.88
N TRP C 197 -11.29 27.06 -28.16
CA TRP C 197 -10.79 26.27 -29.28
C TRP C 197 -11.98 25.79 -30.08
N THR C 198 -11.72 25.30 -31.30
CA THR C 198 -12.73 24.62 -32.09
C THR C 198 -12.12 23.36 -32.68
N VAL C 199 -12.80 22.25 -32.49
CA VAL C 199 -12.26 20.92 -32.77
C VAL C 199 -13.19 20.16 -33.70
N ALA C 200 -12.61 19.44 -34.66
CA ALA C 200 -13.34 18.63 -35.64
C ALA C 200 -13.08 17.16 -35.36
N TYR C 201 -14.16 16.39 -35.25
CA TYR C 201 -14.06 14.97 -34.89
C TYR C 201 -14.57 14.13 -36.05
N ALA C 202 -15.26 13.02 -35.76
CA ALA C 202 -15.47 11.88 -36.66
C ALA C 202 -15.79 12.22 -38.13
N GLY C 203 -14.86 12.87 -38.80
CA GLY C 203 -15.00 13.26 -40.20
C GLY C 203 -16.22 14.08 -40.57
N GLN C 204 -17.08 14.39 -39.62
CA GLN C 204 -18.31 15.10 -39.98
C GLN C 204 -18.82 16.05 -38.88
N LEU C 205 -18.21 16.05 -37.68
CA LEU C 205 -18.65 16.86 -36.56
C LEU C 205 -17.71 18.06 -36.34
N SER C 206 -18.25 19.13 -35.76
CA SER C 206 -17.41 20.25 -35.37
C SER C 206 -17.99 20.97 -34.17
N PHE C 207 -17.13 21.39 -33.25
CA PHE C 207 -17.55 22.00 -31.99
C PHE C 207 -16.81 23.32 -31.77
N ASP C 208 -17.53 24.29 -31.24
CA ASP C 208 -16.98 25.56 -30.76
C ASP C 208 -17.03 25.56 -29.23
N ILE C 209 -15.87 25.48 -28.60
CA ILE C 209 -15.78 25.36 -27.16
C ILE C 209 -15.29 26.66 -26.52
N ILE C 210 -15.88 27.00 -25.38
CA ILE C 210 -15.43 28.09 -24.53
C ILE C 210 -15.47 27.61 -23.09
N VAL C 211 -14.40 27.88 -22.33
CA VAL C 211 -14.33 27.45 -20.93
C VAL C 211 -13.80 28.61 -20.08
N LYS C 212 -14.35 28.73 -18.86
CA LYS C 212 -13.87 29.61 -17.79
C LYS C 212 -13.93 28.83 -16.48
N GLN C 213 -13.51 29.45 -15.39
CA GLN C 213 -13.61 28.86 -14.05
C GLN C 213 -14.15 29.85 -13.05
N PHE D 15 24.94 -3.54 17.29
CA PHE D 15 26.28 -3.13 16.84
C PHE D 15 26.21 -2.00 15.79
N VAL D 16 25.27 -2.05 14.83
CA VAL D 16 24.96 -0.86 14.03
C VAL D 16 24.39 0.20 14.95
N THR D 17 24.82 1.44 14.77
CA THR D 17 24.38 2.62 15.48
C THR D 17 24.11 3.72 14.47
N LEU D 18 22.96 4.36 14.59
CA LEU D 18 22.58 5.45 13.70
C LEU D 18 21.99 6.59 14.52
N GLU D 19 22.69 7.73 14.51
CA GLU D 19 22.35 8.93 15.28
C GLU D 19 22.10 10.07 14.30
N ARG D 20 21.13 10.94 14.62
CA ARG D 20 20.81 12.08 13.77
C ARG D 20 21.40 13.35 14.39
N GLU D 21 22.10 14.13 13.57
CA GLU D 21 22.53 15.45 14.05
C GLU D 21 21.60 16.53 13.52
N GLY D 22 21.29 17.50 14.39
CA GLY D 22 20.33 18.53 14.09
C GLY D 22 18.92 18.16 14.51
N ASP D 23 17.95 18.85 13.92
CA ASP D 23 16.57 18.67 14.33
C ASP D 23 15.83 17.66 13.43
N GLU D 24 14.76 17.08 14.01
CA GLU D 24 13.88 16.20 13.26
C GLU D 24 13.02 16.98 12.27
N LYS D 25 12.62 18.19 12.64
CA LYS D 25 11.76 19.04 11.84
C LYS D 25 12.46 20.38 11.64
N ILE D 26 12.53 20.83 10.40
CA ILE D 26 13.28 22.03 10.03
C ILE D 26 12.39 22.88 9.14
N VAL D 27 12.41 24.19 9.33
CA VAL D 27 11.62 25.11 8.52
C VAL D 27 12.55 26.10 7.84
N LEU D 28 12.54 26.10 6.52
CA LEU D 28 13.27 27.05 5.69
C LEU D 28 12.29 28.04 5.08
N GLU D 29 12.85 29.03 4.39
CA GLU D 29 12.08 29.99 3.64
C GLU D 29 12.46 29.84 2.17
N LYS D 30 11.46 29.88 1.28
CA LYS D 30 11.68 29.67 -0.15
C LYS D 30 12.94 30.41 -0.61
N GLY D 31 13.82 29.70 -1.32
CA GLY D 31 15.04 30.29 -1.81
C GLY D 31 16.25 30.14 -0.89
N GLN D 32 16.04 29.98 0.41
CA GLN D 32 17.14 29.69 1.33
C GLN D 32 17.67 28.28 1.07
N PRO D 33 18.98 28.12 0.85
CA PRO D 33 19.53 26.78 0.59
C PRO D 33 19.34 25.83 1.76
N PHE D 34 19.30 24.53 1.44
CA PHE D 34 19.21 23.51 2.46
C PHE D 34 20.59 22.87 2.65
N VAL D 35 21.16 23.05 3.84
CA VAL D 35 22.44 22.47 4.20
C VAL D 35 22.17 21.29 5.11
N GLU D 36 22.58 20.09 4.68
CA GLU D 36 22.39 18.90 5.50
C GLU D 36 22.94 19.07 6.91
N PRO D 37 22.15 18.83 7.97
CA PRO D 37 22.70 19.04 9.32
C PRO D 37 23.77 18.04 9.68
N GLY D 38 23.71 16.84 9.12
CA GLY D 38 24.69 15.81 9.41
C GLY D 38 24.07 14.60 10.11
N TYR D 39 24.92 13.60 10.30
CA TYR D 39 24.51 12.32 10.90
C TYR D 39 25.76 11.49 11.15
N TYR D 40 25.56 10.33 11.78
CA TYR D 40 26.68 9.48 12.19
C TYR D 40 26.19 8.05 12.35
N ALA D 41 26.93 7.11 11.78
CA ALA D 41 26.57 5.70 11.84
C ALA D 41 27.84 4.89 12.07
N GLU D 42 27.71 3.83 12.84
CA GLU D 42 28.87 3.12 13.36
C GLU D 42 28.51 1.66 13.45
N MET D 43 29.28 0.79 12.82
CA MET D 43 29.05 -0.64 12.99
C MET D 43 30.27 -1.27 13.60
N ASN D 44 30.05 -2.03 14.67
CA ASN D 44 31.12 -2.73 15.37
C ASN D 44 32.29 -1.80 15.65
N GLY D 45 31.98 -0.57 16.03
CA GLY D 45 32.98 0.43 16.36
C GLY D 45 33.54 1.19 15.17
N GLU D 46 33.39 0.68 13.95
CA GLU D 46 33.96 1.38 12.80
C GLU D 46 32.92 2.32 12.21
N ASP D 47 33.40 3.47 11.75
CA ASP D 47 32.53 4.51 11.25
C ASP D 47 31.99 4.06 9.90
N ILE D 48 30.66 3.97 9.77
CA ILE D 48 30.08 3.63 8.47
C ILE D 48 29.21 4.76 7.93
N THR D 49 29.36 5.96 8.51
CA THR D 49 28.58 7.13 8.11
C THR D 49 28.51 7.31 6.59
N GLU D 50 29.60 7.00 5.87
CA GLU D 50 29.61 7.15 4.42
C GLU D 50 28.68 6.16 3.72
N SER D 51 28.25 5.10 4.42
CA SER D 51 27.35 4.10 3.86
C SER D 51 25.88 4.48 3.96
N VAL D 52 25.56 5.53 4.72
CA VAL D 52 24.15 5.85 4.91
C VAL D 52 23.55 6.33 3.61
N GLN D 53 22.39 5.82 3.26
CA GLN D 53 21.74 6.22 2.03
C GLN D 53 20.48 7.02 2.36
N ILE D 54 20.19 8.03 1.53
CA ILE D 54 19.14 9.00 1.82
C ILE D 54 18.07 8.96 0.74
N LYS D 55 16.81 8.74 1.15
CA LYS D 55 15.67 8.77 0.23
C LYS D 55 14.93 10.07 0.45
N GLY D 56 14.75 10.84 -0.63
CA GLY D 56 14.03 12.10 -0.57
C GLY D 56 14.96 13.27 -0.80
N SER D 57 14.36 14.41 -1.18
CA SER D 57 15.07 15.61 -1.61
C SER D 57 14.31 16.83 -1.14
N VAL D 58 15.01 17.96 -1.13
CA VAL D 58 14.43 19.25 -0.71
C VAL D 58 14.57 20.22 -1.88
N ASP D 59 13.44 20.58 -2.49
CA ASP D 59 13.39 21.64 -3.49
C ASP D 59 13.00 22.95 -2.79
N VAL D 60 14.02 23.74 -2.42
CA VAL D 60 13.77 24.94 -1.61
C VAL D 60 13.05 26.05 -2.36
N ASN D 61 12.98 25.99 -3.68
CA ASN D 61 12.27 26.99 -4.46
C ASN D 61 10.78 26.70 -4.61
N THR D 62 10.30 25.63 -3.98
CA THR D 62 8.89 25.26 -4.03
C THR D 62 8.38 25.08 -2.60
N PRO D 63 7.47 25.94 -2.15
CA PRO D 63 6.95 25.78 -0.79
C PRO D 63 6.17 24.49 -0.64
N GLY D 64 6.48 23.76 0.40
CA GLY D 64 5.91 22.44 0.60
C GLY D 64 6.62 21.70 1.73
N ILE D 65 6.28 20.42 1.85
CA ILE D 65 6.82 19.54 2.88
C ILE D 65 7.64 18.45 2.19
N TYR D 66 8.88 18.30 2.63
CA TYR D 66 9.81 17.37 2.03
C TYR D 66 10.32 16.42 3.11
N ASN D 67 10.03 15.14 2.94
CA ASN D 67 10.50 14.11 3.84
C ASN D 67 11.78 13.52 3.29
N LEU D 68 12.77 13.38 4.18
CA LEU D 68 13.98 12.62 3.91
C LEU D 68 13.99 11.41 4.86
N VAL D 69 14.41 10.26 4.37
CA VAL D 69 14.68 9.11 5.24
C VAL D 69 16.14 8.69 5.09
N TYR D 70 16.79 8.47 6.21
CA TYR D 70 18.16 8.02 6.27
C TYR D 70 18.18 6.58 6.74
N ALA D 71 18.94 5.73 6.05
CA ALA D 71 19.11 4.34 6.42
C ALA D 71 20.58 3.97 6.53
N ALA D 72 20.91 3.18 7.56
CA ALA D 72 22.19 2.52 7.75
C ALA D 72 21.92 1.03 7.85
N TYR D 73 22.51 0.25 6.92
CA TYR D 73 22.14 -1.14 6.78
C TYR D 73 23.02 -2.02 7.65
N ASN D 74 22.54 -3.24 7.90
CA ASN D 74 23.14 -4.12 8.87
C ASN D 74 23.23 -5.49 8.19
N GLU D 75 23.39 -6.55 8.97
CA GLU D 75 23.90 -7.76 8.34
C GLU D 75 22.81 -8.71 7.85
N ASP D 76 21.65 -8.82 8.49
CA ASP D 76 20.77 -9.92 8.07
C ASP D 76 19.43 -9.50 7.49
N GLY D 77 19.45 -8.50 6.62
CA GLY D 77 18.21 -7.90 6.22
C GLY D 77 17.77 -6.81 7.17
N PHE D 78 18.55 -6.55 8.20
CA PHE D 78 18.21 -5.56 9.20
C PHE D 78 18.82 -4.20 8.88
N ALA D 79 18.12 -3.18 9.33
CA ALA D 79 18.59 -1.82 9.13
C ALA D 79 18.02 -0.95 10.25
N LYS D 80 18.60 0.23 10.36
CA LYS D 80 18.14 1.30 11.23
C LYS D 80 17.96 2.55 10.39
N THR D 81 17.05 3.40 10.83
CA THR D 81 16.44 4.43 10.02
C THR D 81 16.00 5.57 10.88
N PHE D 82 16.15 6.78 10.35
CA PHE D 82 15.52 7.93 10.95
C PHE D 82 14.98 8.84 9.87
N THR D 83 14.11 9.73 10.30
CA THR D 83 13.32 10.58 9.43
C THR D 83 13.42 12.03 9.82
N ARG D 84 13.86 12.83 8.87
CA ARG D 84 13.83 14.27 8.99
C ARG D 84 12.84 14.83 7.98
N THR D 85 12.07 15.84 8.42
CA THR D 85 11.08 16.54 7.60
C THR D 85 11.55 17.97 7.40
N VAL D 86 11.45 18.49 6.17
CA VAL D 86 11.85 19.87 5.90
C VAL D 86 10.67 20.63 5.30
N TYR D 87 10.30 21.72 5.97
CA TYR D 87 9.21 22.61 5.58
C TYR D 87 9.77 23.86 4.89
N VAL D 88 9.20 24.20 3.73
CA VAL D 88 9.61 25.38 2.97
C VAL D 88 8.44 26.34 2.94
N ALA D 89 8.62 27.53 3.54
CA ALA D 89 7.57 28.53 3.66
C ALA D 89 7.67 29.58 2.54
N ASP D 90 6.53 30.24 2.27
CA ASP D 90 6.49 31.30 1.28
C ASP D 90 7.17 32.55 1.82
N ASN D 91 8.12 33.08 1.05
CA ASN D 91 8.76 34.36 1.33
C ASN D 91 7.82 35.50 0.89
N THR D 92 6.92 35.91 1.79
CA THR D 92 5.87 36.77 1.28
C THR D 92 5.52 37.93 2.20
N ALA D 93 6.01 37.95 3.45
CA ALA D 93 5.56 38.87 4.49
C ALA D 93 4.10 38.58 4.83
N SER D 94 3.80 38.56 6.10
CA SER D 94 2.48 38.18 6.61
C SER D 94 2.61 38.28 8.11
N PRO D 95 1.66 38.91 8.81
CA PRO D 95 1.75 39.02 10.27
C PRO D 95 1.91 37.67 10.97
N LEU D 96 2.08 36.61 10.18
CA LEU D 96 2.36 35.26 10.66
C LEU D 96 3.61 34.70 10.00
N LYS D 97 4.55 34.26 10.84
CA LYS D 97 5.82 33.73 10.40
C LYS D 97 5.89 32.24 10.70
N SER D 98 6.67 31.54 9.89
CA SER D 98 6.80 30.09 9.97
C SER D 98 8.21 29.68 10.39
N GLY D 99 8.36 28.78 11.36
CA GLY D 99 7.26 28.21 12.11
C GLY D 99 7.58 26.88 12.77
N ILE D 100 7.94 26.90 14.06
CA ILE D 100 8.07 25.64 14.79
C ILE D 100 7.48 25.93 16.16
N TYR D 101 6.20 26.29 16.20
CA TYR D 101 5.69 26.92 17.41
C TYR D 101 5.64 25.90 18.55
N THR D 102 5.92 26.38 19.75
CA THR D 102 5.76 25.60 20.97
C THR D 102 4.42 25.94 21.60
N VAL D 103 3.68 24.92 22.03
CA VAL D 103 2.47 25.17 22.79
C VAL D 103 2.83 25.90 24.09
N ALA D 104 1.95 26.79 24.52
CA ALA D 104 2.17 27.59 25.70
C ALA D 104 1.52 26.89 26.90
N GLU D 105 1.33 27.62 28.00
CA GLU D 105 0.76 27.09 29.24
C GLU D 105 -0.73 27.35 29.41
N GLY D 106 -1.21 28.55 29.05
CA GLY D 106 -2.63 28.81 29.03
C GLY D 106 -3.37 28.04 27.95
N SER D 107 -3.05 26.74 27.82
CA SER D 107 -3.62 25.83 26.83
C SER D 107 -4.15 24.62 27.58
N LYS D 108 -5.35 24.16 27.21
CA LYS D 108 -5.96 23.07 27.97
C LYS D 108 -7.21 22.52 27.26
N ARG D 109 -7.66 21.36 27.74
CA ARG D 109 -8.94 20.77 27.37
C ARG D 109 -10.04 21.48 28.16
N THR D 110 -11.28 21.41 27.66
CA THR D 110 -12.40 21.99 28.40
C THR D 110 -13.62 21.06 28.45
N ALA D 111 -13.54 19.86 27.89
CA ALA D 111 -14.63 18.89 27.95
C ALA D 111 -14.06 17.50 27.67
N PRO D 112 -14.58 16.45 28.34
CA PRO D 112 -15.60 16.43 29.38
C PRO D 112 -15.04 16.89 30.72
N SER D 113 -13.72 16.76 30.88
CA SER D 113 -13.05 17.28 32.06
C SER D 113 -12.22 18.50 31.68
N VAL D 114 -11.06 18.64 32.31
CA VAL D 114 -10.16 19.76 32.05
C VAL D 114 -8.76 19.36 32.50
N VAL D 115 -7.77 19.68 31.66
CA VAL D 115 -6.38 19.26 31.86
C VAL D 115 -5.48 20.27 31.18
N ALA D 116 -4.31 20.52 31.77
CA ALA D 116 -3.34 21.48 31.27
C ALA D 116 -2.32 20.83 30.32
N PHE D 117 -1.97 21.55 29.23
CA PHE D 117 -1.08 21.02 28.18
C PHE D 117 0.32 21.57 28.34
N SER D 118 1.25 20.72 28.80
CA SER D 118 2.62 21.13 29.01
C SER D 118 3.34 21.32 27.67
N GLY D 119 2.98 22.37 26.94
CA GLY D 119 3.79 22.91 25.84
C GLY D 119 4.58 22.00 24.91
N TYR D 120 3.88 21.20 24.11
CA TYR D 120 4.50 20.35 23.08
C TYR D 120 4.89 21.19 21.86
N GLU D 121 5.55 20.56 20.89
CA GLU D 121 6.05 21.26 19.72
C GLU D 121 5.21 20.90 18.49
N ILE D 122 4.89 21.91 17.69
CA ILE D 122 4.24 21.70 16.39
C ILE D 122 4.90 22.64 15.39
N VAL D 123 4.49 22.49 14.13
CA VAL D 123 5.01 23.28 13.00
C VAL D 123 3.85 23.85 12.21
N ILE D 124 3.95 25.14 11.86
CA ILE D 124 3.03 25.79 10.92
C ILE D 124 3.83 26.62 9.93
N PHE D 125 3.39 26.59 8.67
CA PHE D 125 4.06 27.38 7.63
C PHE D 125 3.05 27.77 6.57
N GLN D 126 3.37 28.83 5.82
CA GLN D 126 2.46 29.33 4.81
C GLN D 126 2.76 28.73 3.44
N MET D 127 1.71 28.18 2.81
CA MET D 127 1.83 27.53 1.50
C MET D 127 1.71 28.53 0.37
N GLU D 128 0.79 29.47 0.49
CA GLU D 128 0.66 30.65 -0.36
C GLU D 128 0.18 31.81 0.53
N PRO D 129 0.24 33.08 0.04
CA PRO D 129 0.21 34.26 0.93
C PRO D 129 -0.76 34.26 2.12
N GLY D 130 -2.03 33.95 1.92
CA GLY D 130 -2.94 34.00 3.04
C GLY D 130 -3.10 32.70 3.80
N ILE D 131 -2.58 31.60 3.25
CA ILE D 131 -2.95 30.24 3.65
C ILE D 131 -1.76 29.58 4.34
N PHE D 132 -2.01 29.03 5.52
CA PHE D 132 -0.99 28.37 6.32
C PHE D 132 -1.34 26.90 6.49
N TYR D 133 -0.32 26.10 6.82
CA TYR D 133 -0.46 24.68 7.10
C TYR D 133 -0.17 24.49 8.57
N ILE D 134 -0.71 23.42 9.17
CA ILE D 134 -0.47 23.10 10.57
C ILE D 134 -0.18 21.61 10.71
N SER D 135 0.77 21.25 11.58
CA SER D 135 0.98 19.84 11.85
C SER D 135 -0.12 19.29 12.73
N ASP D 136 -0.58 20.10 13.69
CA ASP D 136 -1.57 19.67 14.68
C ASP D 136 -2.42 20.86 15.10
N PHE D 137 -3.73 20.64 15.16
CA PHE D 137 -4.71 21.55 15.74
C PHE D 137 -5.08 21.16 17.16
N LEU D 138 -4.86 19.92 17.53
CA LEU D 138 -5.19 19.36 18.84
C LEU D 138 -4.04 19.47 19.83
N GLY D 139 -3.05 20.30 19.51
CA GLY D 139 -1.97 20.64 20.42
C GLY D 139 -0.94 19.56 20.66
N GLY D 140 -1.14 18.36 20.14
CA GLY D 140 -0.39 17.21 20.57
C GLY D 140 -1.06 16.39 21.64
N TRP D 141 -2.27 16.77 22.07
CA TRP D 141 -3.04 16.00 23.02
C TRP D 141 -3.02 14.50 22.72
N TYR D 142 -2.92 14.12 21.45
CA TYR D 142 -3.18 12.75 21.05
C TYR D 142 -1.94 12.00 20.58
N ASP D 143 -1.06 12.57 19.76
CA ASP D 143 0.11 11.76 19.41
C ASP D 143 1.25 11.93 20.40
N GLN D 144 1.50 13.17 20.84
CA GLN D 144 2.54 13.52 21.80
C GLN D 144 2.29 12.89 23.17
N ARG D 145 1.43 13.51 23.99
CA ARG D 145 0.72 12.84 25.07
C ARG D 145 0.09 11.55 24.55
N ALA D 146 -0.46 10.73 25.44
CA ALA D 146 -1.16 9.51 25.05
C ALA D 146 -0.26 8.56 24.25
N GLY D 147 0.56 9.09 23.35
CA GLY D 147 1.59 8.31 22.67
C GLY D 147 1.03 7.57 21.47
N TYR D 148 0.21 8.26 20.69
CA TYR D 148 -0.55 7.59 19.65
C TYR D 148 0.13 7.66 18.31
N GLY D 149 1.03 8.63 18.11
CA GLY D 149 1.74 8.77 16.85
C GLY D 149 1.01 9.68 15.89
N PRO D 150 1.68 10.12 14.83
CA PRO D 150 1.18 11.27 14.05
C PRO D 150 -0.08 11.00 13.24
N ASP D 151 -0.55 9.75 13.17
CA ASP D 151 -1.85 9.42 12.56
C ASP D 151 -3.00 9.99 13.37
N TYR D 152 -2.66 10.64 14.46
CA TYR D 152 -3.60 11.39 15.28
C TYR D 152 -3.06 12.81 15.31
N ALA D 153 -3.89 13.72 15.82
CA ALA D 153 -3.68 15.15 15.68
C ALA D 153 -4.11 15.62 14.28
N MET D 154 -4.52 16.87 14.18
CA MET D 154 -5.28 17.36 13.03
C MET D 154 -4.32 18.10 12.11
N VAL D 155 -3.87 17.45 11.04
CA VAL D 155 -3.26 18.23 9.97
C VAL D 155 -4.35 19.09 9.34
N GLY D 156 -3.97 20.27 8.86
CA GLY D 156 -4.96 21.18 8.31
C GLY D 156 -4.33 22.40 7.67
N LYS D 157 -5.06 22.94 6.69
CA LYS D 157 -4.84 24.26 6.10
C LYS D 157 -5.80 25.26 6.74
N PHE D 158 -5.37 26.52 6.81
CA PHE D 158 -6.26 27.57 7.31
C PHE D 158 -5.87 28.92 6.72
N GLU D 159 -6.83 29.84 6.70
CA GLU D 159 -6.70 31.19 6.15
C GLU D 159 -6.53 32.21 7.26
N LEU D 160 -5.71 33.23 7.03
CA LEU D 160 -5.52 34.32 7.97
C LEU D 160 -6.17 35.59 7.43
N ASN D 161 -7.07 36.19 8.21
CA ASN D 161 -7.78 37.36 7.75
C ASN D 161 -6.94 38.61 7.95
N ASP D 162 -7.35 39.70 7.28
CA ASP D 162 -6.76 41.00 7.54
C ASP D 162 -7.12 41.53 8.92
N ASP D 163 -8.16 40.98 9.57
CA ASP D 163 -8.61 41.43 10.88
C ASP D 163 -8.06 40.55 12.00
N ASN D 164 -7.00 39.80 11.70
CA ASN D 164 -6.22 39.02 12.66
C ASN D 164 -6.98 37.81 13.19
N THR D 165 -7.93 37.27 12.43
CA THR D 165 -8.64 36.05 12.83
C THR D 165 -8.30 34.91 11.88
N ILE D 166 -8.55 33.69 12.35
CA ILE D 166 -8.14 32.47 11.65
C ILE D 166 -9.38 31.77 11.11
N THR D 167 -9.45 31.65 9.79
CA THR D 167 -10.52 30.92 9.11
C THR D 167 -9.98 29.53 8.75
N PRO D 168 -10.45 28.46 9.40
CA PRO D 168 -9.94 27.13 9.05
C PRO D 168 -10.56 26.58 7.78
N LEU D 169 -9.73 25.91 6.98
CA LEU D 169 -10.20 25.26 5.76
C LEU D 169 -10.38 23.76 5.97
N GLU D 170 -9.41 23.00 5.48
CA GLU D 170 -9.38 21.55 5.66
C GLU D 170 -8.83 21.17 7.05
N SER D 171 -9.27 20.02 7.55
CA SER D 171 -8.82 19.46 8.83
C SER D 171 -9.10 17.96 8.84
N TYR D 172 -8.11 17.16 9.24
CA TYR D 172 -8.23 15.71 9.09
C TYR D 172 -7.35 14.99 10.11
N VAL D 173 -7.98 14.13 10.92
CA VAL D 173 -7.30 13.20 11.82
C VAL D 173 -7.33 11.83 11.17
N ALA D 174 -6.16 11.34 10.76
CA ALA D 174 -6.14 9.99 10.22
C ALA D 174 -6.49 8.99 11.33
N GLY D 175 -6.63 7.73 10.98
CA GLY D 175 -6.87 6.79 12.05
C GLY D 175 -8.26 6.79 12.64
N TRP D 176 -8.96 7.94 12.67
CA TRP D 176 -10.31 8.01 13.25
C TRP D 176 -11.35 8.68 12.35
N GLY D 177 -11.04 8.96 11.09
CA GLY D 177 -12.07 9.57 10.27
C GLY D 177 -11.58 10.67 9.37
N ASP D 178 -11.68 11.96 9.72
CA ASP D 178 -12.38 12.59 10.85
C ASP D 178 -12.08 14.08 10.81
N SER D 179 -13.09 14.93 10.66
CA SER D 179 -12.88 16.36 10.67
C SER D 179 -13.01 16.88 12.09
N MET D 180 -13.15 18.19 12.21
CA MET D 180 -13.43 18.84 13.47
C MET D 180 -14.86 19.32 13.44
N ASP D 181 -15.46 19.48 14.62
CA ASP D 181 -16.84 19.90 14.72
C ASP D 181 -17.00 21.38 14.43
N GLN D 182 -16.11 22.20 14.96
CA GLN D 182 -16.24 23.65 14.89
C GLN D 182 -14.95 24.27 15.44
N MET D 183 -14.64 25.47 14.95
CA MET D 183 -13.56 26.28 15.48
C MET D 183 -14.05 27.69 15.70
N THR D 184 -13.67 28.29 16.84
CA THR D 184 -14.24 29.56 17.27
C THR D 184 -13.21 30.34 18.08
N ASN D 185 -13.48 31.63 18.27
CA ASN D 185 -12.76 32.50 19.19
C ASN D 185 -11.27 32.61 18.84
N THR D 186 -10.95 32.74 17.56
CA THR D 186 -9.56 32.78 17.13
C THR D 186 -9.04 34.22 17.10
N LEU D 187 -7.77 34.39 17.46
CA LEU D 187 -7.09 35.68 17.35
C LEU D 187 -5.58 35.49 17.47
N LEU D 188 -4.83 36.10 16.54
CA LEU D 188 -3.37 36.27 16.63
C LEU D 188 -3.03 37.66 17.14
N ASP D 189 -1.96 37.76 17.94
CA ASP D 189 -1.69 38.98 18.70
C ASP D 189 -1.59 40.25 17.79
N PRO D 190 -0.52 40.41 16.98
CA PRO D 190 0.83 39.86 16.84
C PRO D 190 1.83 40.78 17.53
N ALA D 191 1.52 41.17 18.77
CA ALA D 191 2.49 41.69 19.72
C ALA D 191 3.01 40.49 20.48
N THR D 192 4.21 40.03 20.09
CA THR D 192 4.62 38.62 20.10
C THR D 192 4.00 38.09 18.75
N GLY D 193 3.72 36.82 18.48
CA GLY D 193 4.14 35.64 19.21
C GLY D 193 3.00 35.09 20.03
N THR D 194 1.86 34.78 19.40
CA THR D 194 0.83 33.98 20.04
C THR D 194 -0.32 33.69 19.06
N LEU D 195 -0.79 32.43 19.06
CA LEU D 195 -1.98 31.97 18.35
C LEU D 195 -2.93 31.27 19.31
N LYS D 196 -4.20 31.68 19.32
CA LYS D 196 -5.20 31.08 20.21
C LYS D 196 -6.42 30.64 19.42
N TRP D 197 -6.70 29.35 19.44
CA TRP D 197 -7.96 28.87 18.92
C TRP D 197 -8.59 27.90 19.90
N THR D 198 -9.91 27.90 19.90
CA THR D 198 -10.69 26.84 20.51
C THR D 198 -11.13 25.87 19.41
N VAL D 199 -11.29 24.60 19.77
CA VAL D 199 -11.68 23.56 18.82
C VAL D 199 -12.43 22.45 19.54
N ALA D 200 -13.45 21.89 18.86
CA ALA D 200 -14.23 20.76 19.38
C ALA D 200 -14.12 19.56 18.43
N TYR D 201 -14.34 18.34 18.98
CA TYR D 201 -14.00 17.15 18.20
C TYR D 201 -14.89 15.92 18.36
N ALA D 202 -15.95 15.94 19.14
CA ALA D 202 -16.87 14.80 19.08
C ALA D 202 -18.17 15.15 19.78
N GLY D 203 -18.50 16.45 19.82
CA GLY D 203 -19.63 16.94 20.59
C GLY D 203 -19.47 16.54 22.03
N GLN D 204 -18.23 16.19 22.38
CA GLN D 204 -17.85 15.51 23.61
C GLN D 204 -16.39 15.87 23.88
N LEU D 205 -15.91 16.91 23.20
CA LEU D 205 -14.52 17.34 23.42
C LEU D 205 -14.40 18.79 23.00
N SER D 206 -13.47 19.52 23.63
CA SER D 206 -13.22 20.91 23.29
C SER D 206 -11.90 21.34 23.91
N PHE D 207 -11.11 22.10 23.14
CA PHE D 207 -9.76 22.47 23.52
C PHE D 207 -9.58 23.97 23.36
N ASP D 208 -8.73 24.55 24.20
CA ASP D 208 -8.30 25.95 24.04
C ASP D 208 -6.79 25.95 23.97
N ILE D 209 -6.25 26.33 22.81
CA ILE D 209 -4.84 26.12 22.51
C ILE D 209 -4.16 27.48 22.32
N ILE D 210 -2.92 27.58 22.81
CA ILE D 210 -2.07 28.75 22.58
C ILE D 210 -0.69 28.26 22.17
N VAL D 211 -0.10 28.89 21.16
CA VAL D 211 1.24 28.54 20.71
C VAL D 211 2.07 29.79 20.47
N LYS D 212 3.38 29.66 20.66
CA LYS D 212 4.34 30.76 20.54
C LYS D 212 5.70 30.22 20.10
N GLN D 213 6.57 31.15 19.73
CA GLN D 213 7.95 30.82 19.39
C GLN D 213 8.88 31.35 20.48
#